data_9KKT
#
_entry.id   9KKT
#
_cell.length_a   102.160
_cell.length_b   102.160
_cell.length_c   211.770
_cell.angle_alpha   90.00
_cell.angle_beta   90.00
_cell.angle_gamma   90.00
#
_symmetry.space_group_name_H-M   'P 41 21 2'
#
loop_
_entity.id
_entity.type
_entity.pdbx_description
1 polymer 'Fumarylacetoacetate hydrolase family protein'
2 non-polymer 'MAGNESIUM ION'
3 non-polymer 2-AMINO-2-HYDROXYMETHYL-PROPANE-1,3-DIOL
4 non-polymer '2-OXO-4-METHYLPENTANOIC ACID'
5 water water
#
_entity_poly.entity_id   1
_entity_poly.type   'polypeptide(L)'
_entity_poly.pdbx_seq_one_letter_code
;GVSEFLPEDWKAATLLGRIDFGEGPTPVLVRGGRVEDVSKIAPTVADLMNAFQPGAVIPRGEDKGPLEALDIRPVWEDPD
GAAPVKLLAPVDLQCLKAAGVTFAVSTLERVIEERARGDAGEALKIRTLLAERMGGDLKSVEPGSQGAQRLKDALIADGL
WSQYLEVAIGPDAEIFTKGPTLSSMGWGDQVGVRYDSHWNNPEPEVVLLCDGSGLIRGAALGNDVNLRDFEGRSALLLSK
AKDNNASCAIGPFFRLFDETFGLDDVRSAEVELKITGRDNFVLDGKSNMSLISRDPAVLAGQAYGKQHQYPDGFALFLGT
MFAPIQDRDTPGQGFTHKVGDRVRVSTPKLGVLENEVTTCDKAKPWTFGISALIRNLAGRGLL
;
_entity_poly.pdbx_strand_id   B,A
#
loop_
_chem_comp.id
_chem_comp.type
_chem_comp.name
_chem_comp.formula
COI non-polymer '2-OXO-4-METHYLPENTANOIC ACID' 'C6 H10 O3'
MG non-polymer 'MAGNESIUM ION' 'Mg 2'
TRS non-polymer 2-AMINO-2-HYDROXYMETHYL-PROPANE-1,3-DIOL 'C4 H12 N O3 1'
#
# COMPACT_ATOMS: atom_id res chain seq x y z
N GLY A 1 6.91 -35.18 2.86
CA GLY A 1 6.82 -34.95 4.30
C GLY A 1 6.06 -33.67 4.63
N VAL A 2 4.77 -33.67 4.31
CA VAL A 2 3.94 -32.48 4.52
C VAL A 2 3.66 -32.23 5.99
N SER A 3 3.81 -33.25 6.83
CA SER A 3 3.48 -33.12 8.25
C SER A 3 4.49 -32.28 9.01
N GLU A 4 5.73 -32.21 8.52
CA GLU A 4 6.81 -31.53 9.22
C GLU A 4 6.59 -30.03 9.37
N PHE A 5 5.67 -29.44 8.61
CA PHE A 5 5.43 -28.00 8.73
C PHE A 5 4.02 -27.67 9.21
N LEU A 6 3.28 -28.63 9.70
CA LEU A 6 1.99 -28.32 10.28
C LEU A 6 2.11 -28.22 11.79
N PRO A 7 1.15 -27.58 12.47
CA PRO A 7 1.18 -27.58 13.93
C PRO A 7 1.08 -29.00 14.46
N GLU A 8 1.68 -29.23 15.63
CA GLU A 8 1.75 -30.59 16.15
C GLU A 8 0.38 -31.19 16.45
N ASP A 9 -0.66 -30.36 16.57
CA ASP A 9 -2.03 -30.82 16.81
C ASP A 9 -2.94 -30.54 15.62
N TRP A 10 -2.40 -30.58 14.40
CA TRP A 10 -3.12 -30.05 13.25
C TRP A 10 -4.40 -30.82 12.95
N LYS A 11 -4.43 -32.12 13.26
CA LYS A 11 -5.63 -32.89 13.00
C LYS A 11 -6.78 -32.48 13.90
N ALA A 12 -6.51 -31.85 15.03
CA ALA A 12 -7.54 -31.29 15.90
C ALA A 12 -7.80 -29.81 15.62
N ALA A 13 -7.13 -29.24 14.63
CA ALA A 13 -7.22 -27.82 14.31
C ALA A 13 -8.14 -27.59 13.12
N THR A 14 -8.44 -26.32 12.88
CA THR A 14 -9.12 -25.90 11.66
C THR A 14 -8.14 -25.04 10.86
N LEU A 15 -7.71 -25.52 9.71
CA LEU A 15 -6.84 -24.76 8.84
C LEU A 15 -7.63 -24.23 7.65
N LEU A 16 -7.26 -23.04 7.20
CA LEU A 16 -7.86 -22.40 6.04
C LEU A 16 -6.73 -21.97 5.10
N GLY A 17 -6.79 -22.43 3.86
CA GLY A 17 -5.71 -22.12 2.95
C GLY A 17 -6.11 -22.17 1.49
N ARG A 18 -5.12 -22.24 0.61
CA ARG A 18 -5.37 -22.30 -0.83
C ARG A 18 -4.44 -23.34 -1.43
N ILE A 19 -4.99 -24.20 -2.28
CA ILE A 19 -4.24 -25.25 -2.94
C ILE A 19 -4.64 -25.27 -4.41
N ASP A 20 -3.65 -25.42 -5.29
CA ASP A 20 -3.92 -25.68 -6.69
C ASP A 20 -3.80 -27.18 -6.90
N PHE A 21 -4.94 -27.86 -7.12
CA PHE A 21 -4.95 -29.27 -7.42
C PHE A 21 -4.72 -29.59 -8.88
N GLY A 22 -4.47 -28.58 -9.71
CA GLY A 22 -4.29 -28.76 -11.14
C GLY A 22 -5.23 -27.94 -12.00
N GLU A 23 -6.27 -27.35 -11.41
CA GLU A 23 -7.18 -26.49 -12.16
C GLU A 23 -7.08 -25.03 -11.78
N GLY A 24 -6.29 -24.68 -10.76
CA GLY A 24 -6.16 -23.32 -10.33
C GLY A 24 -6.39 -23.20 -8.84
N PRO A 25 -6.25 -21.98 -8.30
CA PRO A 25 -6.34 -21.79 -6.85
C PRO A 25 -7.71 -22.19 -6.31
N THR A 26 -7.70 -22.95 -5.22
CA THR A 26 -8.92 -23.48 -4.61
C THR A 26 -8.86 -23.21 -3.11
N PRO A 27 -9.83 -22.50 -2.54
CA PRO A 27 -9.86 -22.37 -1.06
C PRO A 27 -10.14 -23.73 -0.44
N VAL A 28 -9.38 -24.07 0.60
CA VAL A 28 -9.56 -25.34 1.31
C VAL A 28 -9.69 -25.07 2.79
N LEU A 29 -10.48 -25.92 3.45
CA LEU A 29 -10.46 -26.06 4.89
C LEU A 29 -9.89 -27.44 5.23
N VAL A 30 -9.07 -27.50 6.28
CA VAL A 30 -8.56 -28.77 6.78
C VAL A 30 -9.19 -28.99 8.15
N ARG A 31 -10.01 -30.04 8.25
CA ARG A 31 -10.69 -30.37 9.49
C ARG A 31 -10.61 -31.88 9.67
N GLY A 32 -10.25 -32.31 10.88
CA GLY A 32 -10.02 -33.71 11.13
C GLY A 32 -8.86 -34.28 10.34
N GLY A 33 -7.88 -33.45 9.98
CA GLY A 33 -6.78 -33.90 9.17
C GLY A 33 -7.10 -34.08 7.70
N ARG A 34 -8.32 -33.81 7.26
CA ARG A 34 -8.72 -34.01 5.87
C ARG A 34 -9.02 -32.69 5.20
N VAL A 35 -8.61 -32.60 3.93
CA VAL A 35 -8.76 -31.37 3.15
C VAL A 35 -10.14 -31.33 2.56
N GLU A 36 -10.78 -30.16 2.64
CA GLU A 36 -12.08 -29.91 2.03
C GLU A 36 -11.94 -28.81 0.96
N ASP A 37 -12.24 -29.15 -0.29
CA ASP A 37 -12.46 -28.16 -1.33
C ASP A 37 -13.76 -27.42 -1.05
N VAL A 38 -13.68 -26.16 -0.67
CA VAL A 38 -14.86 -25.38 -0.34
C VAL A 38 -15.23 -24.40 -1.46
N SER A 39 -14.69 -24.60 -2.66
CA SER A 39 -14.86 -23.63 -3.74
C SER A 39 -16.33 -23.45 -4.14
N LYS A 40 -17.13 -24.52 -4.04
CA LYS A 40 -18.54 -24.38 -4.36
C LYS A 40 -19.32 -23.69 -3.25
N ILE A 41 -18.75 -23.62 -2.04
CA ILE A 41 -19.38 -22.85 -0.98
C ILE A 41 -19.04 -21.37 -1.11
N ALA A 42 -17.77 -21.06 -1.37
CA ALA A 42 -17.32 -19.71 -1.63
C ALA A 42 -16.11 -19.84 -2.54
N PRO A 43 -16.01 -19.05 -3.61
CA PRO A 43 -14.92 -19.25 -4.59
C PRO A 43 -13.56 -18.73 -4.17
N THR A 44 -13.46 -17.96 -3.08
CA THR A 44 -12.17 -17.49 -2.58
C THR A 44 -12.17 -17.57 -1.07
N VAL A 45 -10.98 -17.44 -0.47
CA VAL A 45 -10.89 -17.37 0.98
C VAL A 45 -11.56 -16.10 1.49
N ALA A 46 -11.30 -14.97 0.83
CA ALA A 46 -11.91 -13.71 1.25
C ALA A 46 -13.43 -13.83 1.22
N ASP A 47 -13.98 -14.48 0.18
CA ASP A 47 -15.43 -14.67 0.10
C ASP A 47 -15.93 -15.60 1.19
N LEU A 48 -15.15 -16.63 1.54
CA LEU A 48 -15.60 -17.55 2.59
C LEU A 48 -15.72 -16.80 3.91
N MET A 49 -14.72 -15.98 4.23
CA MET A 49 -14.72 -15.28 5.50
C MET A 49 -15.82 -14.24 5.56
N ASN A 50 -16.19 -13.66 4.42
CA ASN A 50 -17.31 -12.74 4.39
C ASN A 50 -18.66 -13.46 4.44
N ALA A 51 -18.73 -14.70 3.94
CA ALA A 51 -20.02 -15.38 3.91
C ALA A 51 -20.35 -16.01 5.25
N PHE A 52 -19.34 -16.32 6.06
CA PHE A 52 -19.55 -16.96 7.34
C PHE A 52 -18.81 -16.14 8.39
N GLN A 53 -19.56 -15.37 9.15
CA GLN A 53 -19.02 -14.55 10.23
C GLN A 53 -18.63 -15.45 11.40
N PRO A 54 -17.86 -14.94 12.37
CA PRO A 54 -17.56 -15.75 13.55
C PRO A 54 -18.85 -16.27 14.18
N GLY A 55 -18.80 -17.51 14.66
CA GLY A 55 -19.96 -18.14 15.26
C GLY A 55 -20.87 -18.88 14.30
N ALA A 56 -20.75 -18.61 13.00
CA ALA A 56 -21.53 -19.33 12.00
C ALA A 56 -20.83 -20.64 11.61
N VAL A 57 -21.63 -21.69 11.42
CA VAL A 57 -21.11 -22.99 11.00
C VAL A 57 -20.79 -22.93 9.52
N ILE A 58 -19.57 -23.31 9.16
CA ILE A 58 -19.16 -23.41 7.76
C ILE A 58 -19.45 -24.82 7.28
N PRO A 59 -20.28 -25.01 6.24
CA PRO A 59 -20.61 -26.36 5.77
C PRO A 59 -19.37 -27.07 5.23
N ARG A 60 -19.52 -28.38 4.97
CA ARG A 60 -18.42 -29.20 4.46
C ARG A 60 -18.26 -29.04 2.96
N GLY A 61 -17.03 -28.81 2.53
CA GLY A 61 -16.68 -28.93 1.13
C GLY A 61 -16.38 -30.36 0.73
N GLU A 62 -16.02 -30.52 -0.54
CA GLU A 62 -15.81 -31.85 -1.10
C GLU A 62 -14.50 -32.44 -0.58
N ASP A 63 -14.54 -33.72 -0.21
CA ASP A 63 -13.39 -34.37 0.41
C ASP A 63 -12.25 -34.50 -0.59
N LYS A 64 -11.06 -34.07 -0.18
CA LYS A 64 -9.85 -34.28 -0.96
C LYS A 64 -8.87 -35.22 -0.27
N GLY A 65 -9.27 -35.79 0.88
CA GLY A 65 -8.48 -36.82 1.55
C GLY A 65 -7.56 -36.27 2.61
N PRO A 66 -6.81 -37.15 3.26
CA PRO A 66 -5.86 -36.69 4.28
C PRO A 66 -4.83 -35.73 3.69
N LEU A 67 -4.57 -34.63 4.42
CA LEU A 67 -3.60 -33.65 3.95
C LEU A 67 -2.22 -34.26 3.80
N GLU A 68 -1.85 -35.22 4.67
CA GLU A 68 -0.53 -35.80 4.58
C GLU A 68 -0.37 -36.67 3.35
N ALA A 69 -1.47 -37.11 2.73
CA ALA A 69 -1.39 -37.91 1.51
C ALA A 69 -1.27 -37.07 0.25
N LEU A 70 -1.52 -35.76 0.30
CA LEU A 70 -1.31 -34.92 -0.87
C LEU A 70 0.18 -34.79 -1.15
N ASP A 71 0.56 -34.93 -2.43
CA ASP A 71 1.96 -34.84 -2.83
C ASP A 71 2.29 -33.36 -3.05
N ILE A 72 2.57 -32.69 -1.94
CA ILE A 72 2.97 -31.29 -1.93
C ILE A 72 4.48 -31.23 -1.78
N ARG A 73 5.15 -30.38 -2.55
CA ARG A 73 6.60 -30.27 -2.49
C ARG A 73 7.05 -28.82 -2.55
N PRO A 74 8.18 -28.50 -1.90
CA PRO A 74 8.72 -27.14 -1.95
C PRO A 74 9.61 -26.94 -3.16
N VAL A 75 9.92 -25.67 -3.46
CA VAL A 75 10.67 -25.33 -4.66
C VAL A 75 12.06 -25.93 -4.63
N TRP A 76 12.68 -26.01 -3.44
CA TRP A 76 14.05 -26.51 -3.40
C TRP A 76 14.14 -28.02 -3.60
N GLU A 77 13.02 -28.73 -3.51
CA GLU A 77 13.01 -30.14 -3.86
C GLU A 77 12.33 -30.38 -5.21
N ASP A 78 11.41 -29.51 -5.61
CA ASP A 78 10.69 -29.61 -6.87
C ASP A 78 10.80 -28.28 -7.61
N PRO A 79 11.97 -28.00 -8.17
CA PRO A 79 12.19 -26.68 -8.79
C PRO A 79 11.30 -26.42 -9.99
N ASP A 80 10.84 -27.47 -10.67
CA ASP A 80 10.09 -27.33 -11.90
C ASP A 80 8.59 -27.50 -11.73
N GLY A 81 8.10 -27.59 -10.49
CA GLY A 81 6.68 -27.79 -10.29
C GLY A 81 6.16 -29.08 -10.87
N ALA A 82 6.98 -30.14 -10.85
CA ALA A 82 6.53 -31.45 -11.30
C ALA A 82 5.45 -32.03 -10.40
N ALA A 83 5.31 -31.51 -9.18
CA ALA A 83 4.35 -32.04 -8.24
C ALA A 83 2.92 -31.88 -8.75
N PRO A 84 2.05 -32.85 -8.48
CA PRO A 84 0.66 -32.75 -8.94
C PRO A 84 -0.16 -31.73 -8.17
N VAL A 85 0.28 -31.33 -6.97
CA VAL A 85 -0.48 -30.45 -6.11
C VAL A 85 0.45 -29.38 -5.58
N LYS A 86 -0.04 -28.14 -5.51
CA LYS A 86 0.79 -27.00 -5.16
C LYS A 86 0.09 -26.22 -4.06
N LEU A 87 0.73 -26.13 -2.90
CA LEU A 87 0.23 -25.28 -1.83
C LEU A 87 0.55 -23.83 -2.16
N LEU A 88 -0.43 -22.94 -1.92
CA LEU A 88 -0.33 -21.51 -2.20
C LEU A 88 -0.41 -20.72 -0.90
N ALA A 89 -0.11 -19.43 -0.99
CA ALA A 89 -0.38 -18.54 0.11
C ALA A 89 -1.86 -18.64 0.51
N PRO A 90 -2.19 -18.58 1.79
CA PRO A 90 -3.60 -18.69 2.20
C PRO A 90 -4.40 -17.41 2.05
N VAL A 91 -3.86 -16.38 1.40
CA VAL A 91 -4.59 -15.15 1.10
C VAL A 91 -4.92 -15.12 -0.38
N ASP A 92 -6.06 -14.51 -0.72
CA ASP A 92 -6.28 -14.17 -2.13
C ASP A 92 -6.69 -12.71 -2.30
N LEU A 93 -7.93 -12.33 -1.97
CA LEU A 93 -8.36 -10.96 -2.26
C LEU A 93 -8.07 -9.98 -1.14
N GLN A 94 -7.52 -10.43 -0.02
CA GLN A 94 -7.25 -9.53 1.11
C GLN A 94 -6.15 -8.53 0.77
N CYS A 95 -6.27 -7.32 1.32
CA CYS A 95 -5.14 -6.40 1.30
C CYS A 95 -4.08 -6.90 2.26
N LEU A 96 -2.81 -6.68 1.91
CA LEU A 96 -1.68 -7.18 2.68
C LEU A 96 -1.11 -6.01 3.48
N LYS A 97 -1.48 -5.92 4.76
CA LYS A 97 -1.03 -4.84 5.63
C LYS A 97 -0.01 -5.37 6.64
N ALA A 98 0.83 -4.47 7.14
CA ALA A 98 1.90 -4.83 8.07
C ALA A 98 2.13 -3.71 9.08
N ALA A 99 2.19 -4.09 10.35
CA ALA A 99 2.63 -3.19 11.41
C ALA A 99 4.15 -3.35 11.58
N GLY A 100 4.77 -2.28 12.07
CA GLY A 100 6.18 -2.31 12.40
C GLY A 100 6.45 -1.51 13.66
N VAL A 101 7.64 -1.75 14.22
CA VAL A 101 8.08 -1.09 15.45
C VAL A 101 7.04 -1.30 16.55
N THR A 102 6.50 -2.51 16.64
CA THR A 102 5.50 -2.83 17.66
C THR A 102 6.09 -3.36 18.96
N PHE A 103 7.38 -3.61 18.98
CA PHE A 103 8.04 -3.99 20.20
C PHE A 103 8.85 -2.78 20.65
N ALA A 104 8.23 -1.87 21.37
CA ALA A 104 8.88 -0.62 21.77
C ALA A 104 10.04 -0.69 22.76
N VAL A 105 9.95 -1.55 23.75
CA VAL A 105 11.00 -1.62 24.77
C VAL A 105 12.29 -1.89 24.04
N SER A 106 12.26 -2.79 23.08
CA SER A 106 13.40 -3.05 22.23
C SER A 106 13.95 -1.77 21.62
N THR A 107 13.12 -1.03 20.91
CA THR A 107 13.53 0.24 20.32
C THR A 107 14.16 1.19 21.33
N LEU A 108 13.43 1.47 22.41
CA LEU A 108 13.92 2.42 23.43
C LEU A 108 15.32 2.04 23.91
N GLU A 109 15.47 0.82 24.37
CA GLU A 109 16.75 0.40 24.92
C GLU A 109 17.85 0.53 23.89
N ARG A 110 17.61 0.02 22.68
CA ARG A 110 18.65 0.12 21.64
C ARG A 110 19.12 1.56 21.44
N VAL A 111 18.26 2.55 21.66
CA VAL A 111 18.70 3.95 21.56
C VAL A 111 19.53 4.34 22.77
N ILE A 112 19.17 3.83 23.96
CA ILE A 112 19.92 4.17 25.16
C ILE A 112 21.32 3.55 25.13
N GLU A 113 21.48 2.38 24.48
CA GLU A 113 22.81 1.80 24.41
C GLU A 113 23.63 2.36 23.25
N GLU A 114 22.97 2.83 22.18
CA GLU A 114 23.69 3.55 21.14
C GLU A 114 24.39 4.78 21.71
N ARG A 115 23.75 5.45 22.67
CA ARG A 115 24.35 6.61 23.31
C ARG A 115 25.51 6.21 24.22
N ALA A 116 25.33 5.14 24.99
CA ALA A 116 26.39 4.69 25.92
C ALA A 116 27.35 3.75 25.20
N ALA A 123 24.95 3.98 30.55
CA ALA A 123 23.58 3.62 30.10
C ALA A 123 22.65 3.69 31.30
N LEU A 124 23.00 2.96 32.36
CA LEU A 124 22.08 2.94 33.48
C LEU A 124 21.59 4.34 33.86
N LYS A 125 22.40 5.37 33.59
CA LYS A 125 22.05 6.73 34.00
C LYS A 125 20.98 7.35 33.12
N ILE A 126 20.94 7.00 31.83
CA ILE A 126 19.92 7.58 30.95
C ILE A 126 18.55 7.01 31.29
N ARG A 127 18.50 5.72 31.60
CA ARG A 127 17.23 5.07 31.91
C ARG A 127 16.60 5.62 33.19
N THR A 128 17.39 6.21 34.09
CA THR A 128 16.82 6.80 35.31
C THR A 128 15.88 7.95 34.97
N LEU A 129 16.37 8.96 34.25
CA LEU A 129 15.57 10.15 33.97
C LEU A 129 14.37 9.83 33.09
N LEU A 130 14.57 9.02 32.05
CA LEU A 130 13.45 8.65 31.19
C LEU A 130 12.36 7.93 31.98
N ALA A 131 12.74 7.03 32.89
CA ALA A 131 11.75 6.32 33.69
C ALA A 131 11.09 7.24 34.71
N GLU A 132 11.86 8.17 35.29
CA GLU A 132 11.28 9.07 36.29
C GLU A 132 10.34 10.09 35.66
N ARG A 133 10.69 10.58 34.46
CA ARG A 133 9.79 11.48 33.75
C ARG A 133 8.52 10.75 33.31
N MET A 134 8.63 9.46 32.98
CA MET A 134 7.46 8.72 32.51
C MET A 134 6.51 8.36 33.64
N GLY A 135 7.04 8.42 34.86
CA GLY A 135 6.25 8.04 36.03
C GLY A 135 6.30 6.54 36.15
N GLY A 136 7.35 5.94 35.61
CA GLY A 136 7.34 4.48 35.60
C GLY A 136 8.46 3.87 34.81
N ASP A 137 8.66 2.57 35.02
CA ASP A 137 9.76 1.80 34.35
C ASP A 137 9.49 1.73 32.86
N LEU A 138 10.53 1.86 32.06
CA LEU A 138 10.38 1.88 30.59
C LEU A 138 9.72 0.59 30.11
N LYS A 139 10.02 -0.54 30.73
CA LYS A 139 9.47 -1.80 30.25
C LYS A 139 7.97 -1.84 30.37
N SER A 140 7.40 -0.87 31.03
CA SER A 140 5.97 -0.80 31.17
C SER A 140 5.36 0.23 30.19
N VAL A 141 6.19 0.82 29.32
CA VAL A 141 5.73 1.85 28.37
C VAL A 141 4.42 1.53 27.73
N GLU A 142 3.53 2.50 27.73
CA GLU A 142 2.28 2.28 27.07
C GLU A 142 2.15 3.29 25.95
N PRO A 143 2.28 2.80 24.69
CA PRO A 143 2.20 3.73 23.56
C PRO A 143 0.90 4.50 23.55
N GLY A 144 1.00 5.79 23.24
CA GLY A 144 -0.16 6.68 23.22
C GLY A 144 -0.62 7.19 24.56
N SER A 145 0.01 6.76 25.65
CA SER A 145 -0.41 7.20 26.97
C SER A 145 0.15 8.60 27.26
N GLN A 146 -0.31 9.19 28.36
CA GLN A 146 0.29 10.44 28.80
C GLN A 146 1.72 10.21 29.26
N GLY A 147 2.00 9.03 29.83
CA GLY A 147 3.37 8.70 30.18
C GLY A 147 4.29 8.69 28.98
N ALA A 148 3.84 8.08 27.88
CA ALA A 148 4.63 8.09 26.65
C ALA A 148 4.86 9.50 26.14
N GLN A 149 3.85 10.37 26.29
CA GLN A 149 4.00 11.76 25.88
C GLN A 149 5.11 12.47 26.66
N ARG A 150 5.13 12.29 27.99
CA ARG A 150 6.22 12.90 28.76
C ARG A 150 7.56 12.25 28.47
N LEU A 151 7.55 10.96 28.13
CA LEU A 151 8.81 10.31 27.75
C LEU A 151 9.32 10.87 26.42
N LYS A 152 8.42 11.08 25.46
CA LYS A 152 8.79 11.73 24.20
C LYS A 152 9.45 13.08 24.45
N ASP A 153 8.82 13.92 25.27
CA ASP A 153 9.36 15.26 25.54
C ASP A 153 10.71 15.17 26.24
N ALA A 154 10.90 14.17 27.10
CA ALA A 154 12.21 13.99 27.73
C ALA A 154 13.23 13.52 26.72
N LEU A 155 12.81 12.67 25.77
CA LEU A 155 13.74 12.21 24.74
C LEU A 155 14.13 13.35 23.81
N ILE A 156 13.16 14.19 23.45
CA ILE A 156 13.46 15.36 22.63
C ILE A 156 14.44 16.27 23.33
N ALA A 157 14.27 16.46 24.65
CA ALA A 157 15.15 17.31 25.42
C ALA A 157 16.56 16.73 25.51
N ASP A 158 16.70 15.41 25.37
CA ASP A 158 18.01 14.79 25.38
C ASP A 158 18.63 14.67 24.00
N GLY A 159 17.87 14.98 22.94
CA GLY A 159 18.40 14.76 21.62
C GLY A 159 18.43 13.31 21.19
N LEU A 160 17.61 12.46 21.83
CA LEU A 160 17.52 11.06 21.47
C LEU A 160 16.28 10.73 20.66
N TRP A 161 15.40 11.71 20.41
CA TRP A 161 14.14 11.41 19.76
C TRP A 161 14.36 11.06 18.28
N SER A 162 13.45 10.28 17.74
CA SER A 162 13.55 9.93 16.33
C SER A 162 12.16 9.56 15.81
N GLN A 163 12.05 9.55 14.48
CA GLN A 163 10.78 9.17 13.86
C GLN A 163 10.41 7.72 14.20
N TYR A 164 11.39 6.91 14.58
CA TYR A 164 11.09 5.53 14.92
C TYR A 164 10.47 5.42 16.32
N LEU A 165 10.96 6.23 17.26
CA LEU A 165 10.34 6.23 18.58
C LEU A 165 8.93 6.84 18.53
N GLU A 166 8.67 7.72 17.56
CA GLU A 166 7.31 8.23 17.40
C GLU A 166 6.32 7.10 17.15
N VAL A 167 6.65 6.15 16.26
CA VAL A 167 5.73 5.05 16.02
C VAL A 167 5.89 3.93 17.04
N ALA A 168 6.96 3.95 17.84
CA ALA A 168 7.08 2.99 18.93
C ALA A 168 6.15 3.34 20.09
N ILE A 169 6.11 4.62 20.50
CA ILE A 169 5.40 4.98 21.72
C ILE A 169 4.32 6.02 21.51
N GLY A 170 4.18 6.55 20.30
CA GLY A 170 3.14 7.53 20.04
C GLY A 170 1.79 6.87 19.87
N PRO A 171 0.76 7.69 19.64
CA PRO A 171 -0.59 7.13 19.51
C PRO A 171 -0.81 6.33 18.24
N ASP A 172 -0.04 6.58 17.18
CA ASP A 172 -0.25 5.92 15.89
C ASP A 172 0.86 4.91 15.63
N ALA A 173 0.47 3.66 15.42
CA ALA A 173 1.43 2.63 15.06
C ALA A 173 1.82 2.77 13.60
N GLU A 174 3.02 2.32 13.26
CA GLU A 174 3.43 2.22 11.87
C GLU A 174 2.68 1.08 11.23
N ILE A 175 1.83 1.40 10.25
CA ILE A 175 1.10 0.40 9.47
C ILE A 175 1.24 0.78 8.00
N PHE A 176 1.69 -0.17 7.18
CA PHE A 176 1.91 0.09 5.76
C PHE A 176 1.36 -1.06 4.93
N THR A 177 1.34 -0.85 3.62
CA THR A 177 0.97 -1.90 2.68
C THR A 177 2.21 -2.72 2.35
N LYS A 178 2.17 -4.02 2.67
CA LYS A 178 3.32 -4.88 2.45
C LYS A 178 3.50 -5.20 0.97
N GLY A 179 2.41 -5.37 0.23
CA GLY A 179 2.47 -5.71 -1.18
C GLY A 179 1.10 -5.74 -1.80
N PRO A 180 1.05 -5.82 -3.13
CA PRO A 180 -0.25 -5.81 -3.83
C PRO A 180 -1.06 -7.07 -3.54
N THR A 181 -2.38 -6.93 -3.66
CA THR A 181 -3.26 -8.07 -3.49
C THR A 181 -2.92 -9.15 -4.53
N LEU A 182 -2.90 -10.41 -4.07
CA LEU A 182 -2.59 -11.63 -4.82
C LEU A 182 -1.09 -11.84 -5.06
N SER A 183 -0.21 -11.00 -4.51
CA SER A 183 1.23 -11.11 -4.76
C SER A 183 2.00 -11.93 -3.71
N SER A 184 1.36 -12.37 -2.64
CA SER A 184 2.10 -13.03 -1.57
C SER A 184 2.69 -14.37 -2.03
N MET A 185 3.88 -14.69 -1.50
CA MET A 185 4.39 -16.05 -1.58
C MET A 185 3.81 -16.88 -0.44
N GLY A 186 3.89 -18.20 -0.59
CA GLY A 186 3.43 -19.10 0.44
C GLY A 186 4.51 -20.01 0.96
N TRP A 187 4.13 -21.01 1.75
CA TRP A 187 5.05 -22.06 2.13
C TRP A 187 5.73 -22.66 0.91
N GLY A 188 7.03 -22.92 1.03
CA GLY A 188 7.76 -23.66 0.00
C GLY A 188 8.08 -22.90 -1.25
N ASP A 189 7.85 -21.59 -1.28
CA ASP A 189 8.16 -20.72 -2.41
C ASP A 189 9.52 -20.05 -2.24
N GLN A 190 10.05 -19.54 -3.34
CA GLN A 190 11.15 -18.60 -3.26
C GLN A 190 10.64 -17.23 -2.83
N VAL A 191 11.40 -16.56 -1.96
CA VAL A 191 11.19 -15.15 -1.68
C VAL A 191 12.36 -14.38 -2.29
N GLY A 192 12.13 -13.10 -2.55
CA GLY A 192 13.15 -12.31 -3.23
C GLY A 192 13.64 -11.11 -2.45
N VAL A 193 14.96 -10.94 -2.39
CA VAL A 193 15.58 -9.68 -1.98
C VAL A 193 16.08 -9.01 -3.24
N ARG A 194 16.01 -7.67 -3.27
CA ARG A 194 16.47 -6.94 -4.45
C ARG A 194 17.96 -7.24 -4.71
N TYR A 195 18.32 -7.36 -5.99
CA TYR A 195 19.72 -7.65 -6.29
C TYR A 195 20.64 -6.48 -5.97
N ASP A 196 20.09 -5.27 -5.84
CA ASP A 196 20.88 -4.10 -5.51
C ASP A 196 20.80 -3.75 -4.04
N SER A 197 20.25 -4.64 -3.21
CA SER A 197 20.29 -4.48 -1.76
C SER A 197 21.42 -5.33 -1.20
N HIS A 198 22.20 -4.74 -0.29
CA HIS A 198 23.37 -5.39 0.27
C HIS A 198 23.20 -5.78 1.73
N TRP A 199 22.18 -5.27 2.41
CA TRP A 199 21.93 -5.59 3.82
C TRP A 199 20.43 -5.81 3.97
N ASN A 200 20.05 -7.06 4.16
CA ASN A 200 18.65 -7.47 4.15
C ASN A 200 18.51 -8.66 5.10
N ASN A 201 17.26 -8.99 5.46
CA ASN A 201 17.07 -9.98 6.50
C ASN A 201 15.62 -10.47 6.45
N PRO A 202 15.33 -11.63 7.01
CA PRO A 202 13.93 -11.99 7.25
C PRO A 202 13.41 -11.21 8.45
N GLU A 203 12.09 -11.19 8.59
CA GLU A 203 11.46 -10.69 9.80
C GLU A 203 10.38 -11.69 10.20
N PRO A 204 10.62 -12.51 11.23
CA PRO A 204 9.68 -13.57 11.61
C PRO A 204 8.49 -12.97 12.36
N GLU A 205 7.28 -13.23 11.86
CA GLU A 205 6.11 -12.53 12.36
C GLU A 205 4.90 -13.44 12.37
N VAL A 206 3.92 -13.07 13.19
CA VAL A 206 2.59 -13.67 13.14
C VAL A 206 1.73 -12.76 12.29
N VAL A 207 0.89 -13.36 11.43
CA VAL A 207 0.03 -12.63 10.51
C VAL A 207 -1.42 -12.94 10.86
N LEU A 208 -2.21 -11.90 11.10
CA LEU A 208 -3.62 -12.08 11.39
C LEU A 208 -4.45 -12.11 10.11
N LEU A 209 -5.49 -12.94 10.12
CA LEU A 209 -6.49 -12.95 9.06
C LEU A 209 -7.70 -12.17 9.55
N CYS A 210 -8.08 -11.13 8.80
CA CYS A 210 -9.22 -10.31 9.17
C CYS A 210 -10.23 -10.34 8.03
N ASP A 211 -11.52 -10.38 8.38
CA ASP A 211 -12.55 -10.49 7.35
C ASP A 211 -13.01 -9.09 6.91
N GLY A 212 -13.99 -9.05 6.02
CA GLY A 212 -14.47 -7.80 5.48
C GLY A 212 -15.24 -6.96 6.45
N SER A 213 -15.50 -7.47 7.66
CA SER A 213 -16.08 -6.69 8.74
C SER A 213 -15.04 -6.29 9.78
N GLY A 214 -13.75 -6.42 9.45
CA GLY A 214 -12.72 -5.99 10.38
C GLY A 214 -12.53 -6.89 11.58
N LEU A 215 -12.99 -8.14 11.51
CA LEU A 215 -12.92 -9.05 12.63
C LEU A 215 -11.80 -10.05 12.42
N ILE A 216 -11.07 -10.36 13.50
CA ILE A 216 -9.95 -11.29 13.46
C ILE A 216 -10.49 -12.70 13.48
N ARG A 217 -10.07 -13.50 12.49
CA ARG A 217 -10.58 -14.85 12.27
C ARG A 217 -9.56 -15.94 12.54
N GLY A 218 -8.26 -15.63 12.43
CA GLY A 218 -7.24 -16.65 12.60
C GLY A 218 -5.87 -16.03 12.40
N ALA A 219 -4.85 -16.89 12.36
CA ALA A 219 -3.48 -16.39 12.25
C ALA A 219 -2.59 -17.38 11.52
N ALA A 220 -1.57 -16.85 10.85
CA ALA A 220 -0.58 -17.67 10.17
C ALA A 220 0.80 -17.08 10.45
N LEU A 221 1.82 -17.71 9.89
CA LEU A 221 3.17 -17.22 10.04
C LEU A 221 3.54 -16.35 8.84
N GLY A 222 4.44 -15.41 9.07
CA GLY A 222 4.85 -14.51 8.01
C GLY A 222 6.34 -14.25 8.06
N ASN A 223 6.91 -14.00 6.88
CA ASN A 223 8.26 -13.47 6.73
C ASN A 223 8.14 -12.15 5.99
N ASP A 224 8.39 -11.04 6.70
CA ASP A 224 8.37 -9.70 6.12
C ASP A 224 9.78 -9.39 5.65
N VAL A 225 10.09 -9.86 4.42
CA VAL A 225 11.43 -9.70 3.87
C VAL A 225 11.77 -8.20 3.79
N ASN A 226 12.96 -7.85 4.28
CA ASN A 226 13.26 -6.47 4.64
C ASN A 226 14.66 -6.09 4.15
N LEU A 227 14.75 -4.94 3.50
CA LEU A 227 16.01 -4.42 2.98
C LEU A 227 16.46 -3.25 3.86
N ARG A 228 17.41 -3.51 4.76
CA ARG A 228 17.84 -2.47 5.70
C ARG A 228 18.55 -1.32 5.00
N ASP A 229 19.30 -1.60 3.94
CA ASP A 229 20.10 -0.51 3.35
C ASP A 229 19.22 0.51 2.62
N PHE A 230 18.07 0.08 2.10
CA PHE A 230 17.12 1.04 1.55
C PHE A 230 16.46 1.86 2.65
N GLU A 231 15.86 1.19 3.64
CA GLU A 231 15.17 1.93 4.68
C GLU A 231 16.13 2.84 5.45
N GLY A 232 17.38 2.40 5.63
CA GLY A 232 18.36 3.19 6.37
C GLY A 232 18.82 4.44 5.64
N ARG A 233 18.82 4.43 4.31
CA ARG A 233 19.13 5.64 3.56
C ARG A 233 18.02 6.68 3.67
N SER A 234 16.78 6.23 3.84
CA SER A 234 15.63 7.13 3.95
C SER A 234 14.37 6.36 4.30
N ALA A 235 13.64 6.81 5.33
CA ALA A 235 12.38 6.15 5.65
C ALA A 235 11.35 6.31 4.54
N LEU A 236 11.57 7.24 3.60
CA LEU A 236 10.66 7.33 2.46
C LEU A 236 10.90 6.20 1.47
N LEU A 237 11.96 5.41 1.66
CA LEU A 237 12.15 4.17 0.89
C LEU A 237 11.61 2.95 1.62
N LEU A 238 10.80 3.14 2.66
CA LEU A 238 10.16 2.00 3.33
C LEU A 238 9.48 1.09 2.33
N SER A 239 8.62 1.66 1.46
CA SER A 239 7.92 0.84 0.48
C SER A 239 8.89 0.05 -0.40
N LYS A 240 9.93 0.71 -0.90
CA LYS A 240 10.93 0.00 -1.68
C LYS A 240 11.73 -1.02 -0.84
N ALA A 241 11.83 -0.84 0.47
CA ALA A 241 12.49 -1.81 1.33
C ALA A 241 11.62 -3.04 1.61
N LYS A 242 10.31 -2.92 1.42
CA LYS A 242 9.35 -3.94 1.84
C LYS A 242 8.60 -4.59 0.70
N ASP A 243 8.46 -3.93 -0.45
CA ASP A 243 7.50 -4.30 -1.49
C ASP A 243 8.22 -4.47 -2.83
N ASN A 244 8.66 -5.70 -3.13
CA ASN A 244 9.25 -6.05 -4.41
C ASN A 244 8.76 -7.44 -4.78
N ASN A 245 9.13 -7.92 -5.96
CA ASN A 245 8.66 -9.23 -6.43
C ASN A 245 9.02 -10.31 -5.41
N ALA A 246 8.01 -11.05 -4.94
CA ALA A 246 8.18 -12.18 -4.03
C ALA A 246 8.78 -11.78 -2.68
N SER A 247 8.51 -10.55 -2.22
CA SER A 247 9.05 -10.11 -0.94
C SER A 247 8.14 -10.42 0.25
N CYS A 248 6.99 -11.05 0.03
CA CYS A 248 6.03 -11.35 1.09
C CYS A 248 5.75 -12.85 1.14
N ALA A 249 5.88 -13.46 2.32
CA ALA A 249 5.51 -14.86 2.51
C ALA A 249 4.59 -14.99 3.70
N ILE A 250 3.49 -15.72 3.50
CA ILE A 250 2.47 -15.99 4.51
C ILE A 250 2.09 -17.45 4.38
N GLY A 251 1.93 -18.15 5.50
CA GLY A 251 1.49 -19.54 5.44
C GLY A 251 1.95 -20.33 6.65
N PRO A 252 1.96 -21.69 6.62
CA PRO A 252 1.43 -22.48 5.50
C PRO A 252 -0.07 -22.35 5.31
N PHE A 253 -0.80 -22.31 6.41
CA PHE A 253 -2.24 -22.05 6.41
C PHE A 253 -2.54 -20.97 7.43
N PHE A 254 -3.72 -20.36 7.31
CA PHE A 254 -4.30 -19.67 8.45
C PHE A 254 -4.93 -20.70 9.37
N ARG A 255 -4.63 -20.63 10.66
CA ARG A 255 -5.35 -21.44 11.65
C ARG A 255 -6.51 -20.61 12.19
N LEU A 256 -7.73 -21.12 12.04
CA LEU A 256 -8.90 -20.39 12.48
C LEU A 256 -9.12 -20.58 13.99
N PHE A 257 -9.70 -19.56 14.61
CA PHE A 257 -10.00 -19.64 16.03
C PHE A 257 -11.14 -20.61 16.28
N ASP A 258 -10.96 -21.52 17.23
CA ASP A 258 -11.98 -22.48 17.63
C ASP A 258 -11.76 -22.80 19.12
N GLU A 259 -12.26 -23.97 19.56
CA GLU A 259 -12.05 -24.41 20.93
C GLU A 259 -10.58 -24.60 21.26
N THR A 260 -9.78 -25.00 20.27
CA THR A 260 -8.39 -25.37 20.49
C THR A 260 -7.42 -24.21 20.35
N PHE A 261 -7.89 -23.06 19.85
CA PHE A 261 -6.95 -22.03 19.44
C PHE A 261 -7.69 -20.69 19.40
N GLY A 262 -7.09 -19.66 19.99
CA GLY A 262 -7.72 -18.36 20.05
C GLY A 262 -6.70 -17.25 20.00
N LEU A 263 -7.18 -16.00 20.09
CA LEU A 263 -6.26 -14.87 20.02
C LEU A 263 -5.29 -14.87 21.21
N ASP A 264 -5.72 -15.41 22.36
CA ASP A 264 -4.80 -15.49 23.50
C ASP A 264 -3.62 -16.40 23.21
N ASP A 265 -3.80 -17.40 22.34
CA ASP A 265 -2.65 -18.21 21.95
C ASP A 265 -1.70 -17.43 21.06
N VAL A 266 -2.22 -16.53 20.23
CA VAL A 266 -1.35 -15.66 19.45
C VAL A 266 -0.56 -14.74 20.38
N ARG A 267 -1.24 -14.17 21.37
CA ARG A 267 -0.63 -13.16 22.25
C ARG A 267 0.57 -13.70 23.02
N SER A 268 0.64 -15.00 23.27
CA SER A 268 1.74 -15.60 24.01
C SER A 268 2.61 -16.50 23.15
N ALA A 269 2.51 -16.36 21.82
CA ALA A 269 3.20 -17.26 20.90
C ALA A 269 4.70 -16.96 20.88
N GLU A 270 5.50 -18.03 20.95
CA GLU A 270 6.96 -17.97 20.81
C GLU A 270 7.31 -18.24 19.35
N VAL A 271 7.82 -17.22 18.66
CA VAL A 271 8.13 -17.33 17.24
C VAL A 271 9.63 -17.57 17.09
N GLU A 272 9.99 -18.68 16.46
CA GLU A 272 11.39 -19.07 16.25
C GLU A 272 11.78 -18.80 14.80
N LEU A 273 13.05 -18.45 14.61
CA LEU A 273 13.59 -18.18 13.28
C LEU A 273 14.89 -18.94 13.10
N LYS A 274 15.02 -19.64 11.97
CA LYS A 274 16.29 -20.23 11.60
C LYS A 274 16.64 -19.90 10.16
N ILE A 275 17.91 -19.56 9.93
CA ILE A 275 18.43 -19.26 8.60
C ILE A 275 19.59 -20.19 8.33
N THR A 276 19.56 -20.86 7.18
CA THR A 276 20.60 -21.81 6.81
C THR A 276 21.10 -21.45 5.43
N GLY A 277 22.42 -21.29 5.31
CA GLY A 277 23.02 -20.92 4.05
C GLY A 277 23.88 -22.04 3.48
N ARG A 278 24.18 -21.94 2.20
CA ARG A 278 25.08 -22.93 1.61
C ARG A 278 26.52 -22.73 2.09
N ASP A 279 26.86 -21.53 2.53
CA ASP A 279 28.16 -21.32 3.13
C ASP A 279 28.24 -21.92 4.55
N ASN A 280 27.22 -22.72 4.90
CA ASN A 280 27.07 -23.35 6.20
C ASN A 280 26.84 -22.36 7.33
N PHE A 281 26.44 -21.14 7.00
CA PHE A 281 26.00 -20.21 8.01
C PHE A 281 24.68 -20.68 8.61
N VAL A 282 24.57 -20.57 9.93
CA VAL A 282 23.34 -20.90 10.63
C VAL A 282 23.03 -19.78 11.62
N LEU A 283 21.81 -19.27 11.58
CA LEU A 283 21.31 -18.32 12.56
C LEU A 283 20.03 -18.88 13.15
N ASP A 284 19.95 -18.89 14.48
CA ASP A 284 18.76 -19.33 15.19
C ASP A 284 18.38 -18.26 16.21
N GLY A 285 17.10 -18.24 16.59
CA GLY A 285 16.63 -17.27 17.57
C GLY A 285 15.12 -17.30 17.80
N LYS A 286 14.70 -17.04 19.04
CA LYS A 286 13.31 -17.09 19.46
C LYS A 286 12.93 -15.80 20.18
N SER A 287 11.67 -15.38 20.02
CA SER A 287 11.20 -14.08 20.52
C SER A 287 9.68 -14.11 20.70
N ASN A 288 9.22 -13.77 21.91
CA ASN A 288 7.83 -14.01 22.32
C ASN A 288 6.90 -12.85 22.01
N MET A 289 5.70 -13.19 21.52
CA MET A 289 4.68 -12.19 21.24
C MET A 289 4.22 -11.46 22.48
N SER A 290 4.56 -11.94 23.69
CA SER A 290 4.05 -11.29 24.88
C SER A 290 4.77 -9.97 25.16
N LEU A 291 5.87 -9.70 24.47
CA LEU A 291 6.56 -8.42 24.63
C LEU A 291 6.06 -7.36 23.66
N ILE A 292 5.12 -7.69 22.78
CA ILE A 292 4.57 -6.69 21.87
C ILE A 292 3.96 -5.56 22.68
N SER A 293 4.16 -4.32 22.23
CA SER A 293 3.75 -3.15 22.98
C SER A 293 2.33 -2.70 22.64
N ARG A 294 1.74 -3.21 21.57
CA ARG A 294 0.36 -2.91 21.20
C ARG A 294 -0.35 -4.22 20.96
N ASP A 295 -1.50 -4.41 21.61
CA ASP A 295 -2.21 -5.68 21.51
C ASP A 295 -2.62 -5.94 20.06
N PRO A 296 -2.58 -7.21 19.61
CA PRO A 296 -3.02 -7.50 18.24
C PRO A 296 -4.42 -7.02 17.92
N ALA A 297 -5.36 -7.10 18.86
CA ALA A 297 -6.69 -6.57 18.58
C ALA A 297 -6.66 -5.04 18.46
N VAL A 298 -5.76 -4.39 19.19
CA VAL A 298 -5.60 -2.94 19.07
C VAL A 298 -5.01 -2.57 17.72
N LEU A 299 -4.00 -3.31 17.26
CA LEU A 299 -3.42 -3.05 15.95
C LEU A 299 -4.45 -3.25 14.83
N ALA A 300 -5.26 -4.31 14.93
CA ALA A 300 -6.33 -4.49 13.94
C ALA A 300 -7.27 -3.29 13.96
N GLY A 301 -7.58 -2.78 15.15
CA GLY A 301 -8.50 -1.66 15.27
C GLY A 301 -7.89 -0.34 14.84
N GLN A 302 -6.57 -0.27 14.70
CA GLN A 302 -5.98 0.91 14.09
C GLN A 302 -5.97 0.82 12.59
N ALA A 303 -5.83 -0.39 12.02
CA ALA A 303 -5.89 -0.54 10.58
C ALA A 303 -7.31 -0.39 10.04
N TYR A 304 -8.33 -0.75 10.84
CA TYR A 304 -9.70 -0.86 10.37
C TYR A 304 -10.62 -0.11 11.32
N GLY A 305 -11.49 0.73 10.77
CA GLY A 305 -12.42 1.47 11.63
C GLY A 305 -13.22 2.49 10.86
N LYS A 306 -13.60 3.59 11.51
CA LYS A 306 -14.38 4.60 10.80
C LYS A 306 -13.62 5.26 9.65
N GLN A 307 -12.29 5.19 9.65
CA GLN A 307 -11.51 5.96 8.68
C GLN A 307 -10.76 5.09 7.68
N HIS A 308 -10.95 3.76 7.73
CA HIS A 308 -10.46 2.89 6.67
C HIS A 308 -11.21 1.57 6.75
N GLN A 309 -11.82 1.14 5.66
CA GLN A 309 -12.47 -0.17 5.59
C GLN A 309 -11.70 -1.07 4.63
N TYR A 310 -12.11 -2.34 4.57
CA TYR A 310 -11.46 -3.35 3.72
C TYR A 310 -12.50 -4.40 3.34
N PRO A 311 -13.28 -4.16 2.29
CA PRO A 311 -14.45 -5.02 2.03
C PRO A 311 -14.11 -6.47 1.71
N ASP A 312 -12.91 -6.76 1.23
CA ASP A 312 -12.50 -8.15 1.03
C ASP A 312 -11.69 -8.69 2.21
N GLY A 313 -11.53 -7.92 3.26
CA GLY A 313 -10.68 -8.32 4.36
C GLY A 313 -9.25 -7.86 4.14
N PHE A 314 -8.41 -8.20 5.11
CA PHE A 314 -7.00 -7.88 5.03
C PHE A 314 -6.24 -8.84 5.94
N ALA A 315 -4.99 -9.07 5.59
CA ALA A 315 -4.04 -9.77 6.45
C ALA A 315 -3.17 -8.72 7.13
N LEU A 316 -2.77 -8.98 8.39
CA LEU A 316 -2.01 -8.00 9.16
C LEU A 316 -0.80 -8.67 9.81
N PHE A 317 0.39 -8.39 9.25
CA PHE A 317 1.65 -8.67 9.95
C PHE A 317 1.70 -7.87 11.25
N LEU A 318 2.07 -8.52 12.36
CA LEU A 318 2.05 -7.85 13.65
C LEU A 318 3.40 -7.25 14.06
N GLY A 319 4.45 -7.44 13.25
CA GLY A 319 5.76 -6.89 13.55
C GLY A 319 6.66 -7.93 14.21
N THR A 320 7.89 -7.51 14.48
CA THR A 320 8.84 -8.43 15.09
C THR A 320 9.77 -7.67 16.01
N MET A 321 10.45 -8.40 16.89
CA MET A 321 11.55 -7.83 17.66
C MET A 321 12.89 -8.49 17.31
N PHE A 322 12.92 -9.36 16.31
CA PHE A 322 14.19 -9.89 15.82
C PHE A 322 15.07 -8.79 15.25
N ALA A 323 16.34 -8.78 15.64
CA ALA A 323 17.32 -7.80 15.19
C ALA A 323 18.42 -8.49 14.39
N PRO A 324 18.62 -8.15 13.10
CA PRO A 324 19.56 -8.86 12.24
C PRO A 324 21.03 -8.49 12.45
N ILE A 325 21.48 -8.60 13.70
CA ILE A 325 22.81 -8.08 14.06
C ILE A 325 23.90 -9.14 13.99
N GLN A 326 23.56 -10.42 13.85
CA GLN A 326 24.59 -11.46 13.81
C GLN A 326 25.45 -11.28 12.56
N ASP A 327 26.76 -11.15 12.76
CA ASP A 327 27.67 -11.04 11.62
C ASP A 327 27.68 -12.32 10.80
N ARG A 328 27.74 -12.17 9.47
CA ARG A 328 27.93 -13.30 8.58
C ARG A 328 29.35 -13.30 8.01
N ASP A 329 29.64 -12.43 7.03
CA ASP A 329 30.98 -12.31 6.48
C ASP A 329 31.70 -11.03 6.93
N THR A 330 31.03 -9.88 6.82
CA THR A 330 31.67 -8.60 7.10
C THR A 330 31.47 -8.22 8.57
N PRO A 331 32.53 -8.15 9.38
CA PRO A 331 32.37 -7.76 10.78
C PRO A 331 31.63 -6.44 10.94
N GLY A 332 30.77 -6.38 11.96
CA GLY A 332 30.09 -5.16 12.35
C GLY A 332 28.97 -4.72 11.43
N GLN A 333 28.78 -5.36 10.28
CA GLN A 333 27.73 -4.95 9.35
C GLN A 333 26.48 -5.82 9.45
N GLY A 334 26.43 -6.76 10.39
CA GLY A 334 25.23 -7.54 10.61
C GLY A 334 25.04 -8.64 9.58
N PHE A 335 23.81 -9.16 9.54
CA PHE A 335 23.44 -10.24 8.63
C PHE A 335 23.04 -9.68 7.27
N THR A 336 23.26 -10.48 6.23
CA THR A 336 22.63 -10.27 4.93
C THR A 336 22.43 -11.63 4.26
N HIS A 337 21.45 -11.69 3.37
CA HIS A 337 21.15 -12.95 2.70
C HIS A 337 22.14 -13.25 1.58
N LYS A 338 22.26 -14.53 1.26
CA LYS A 338 22.90 -14.99 0.05
C LYS A 338 21.92 -15.90 -0.67
N VAL A 339 22.04 -15.95 -2.00
CA VAL A 339 21.12 -16.77 -2.79
C VAL A 339 21.15 -18.20 -2.29
N GLY A 340 19.96 -18.79 -2.14
CA GLY A 340 19.84 -20.15 -1.67
C GLY A 340 19.70 -20.31 -0.17
N ASP A 341 19.65 -19.22 0.60
CA ASP A 341 19.39 -19.33 2.03
C ASP A 341 18.00 -19.93 2.27
N ARG A 342 17.90 -20.77 3.29
CA ARG A 342 16.63 -21.35 3.70
C ARG A 342 16.20 -20.72 5.02
N VAL A 343 15.01 -20.13 5.04
CA VAL A 343 14.52 -19.35 6.17
C VAL A 343 13.29 -20.05 6.72
N ARG A 344 13.34 -20.42 7.99
CA ARG A 344 12.26 -21.11 8.67
C ARG A 344 11.70 -20.21 9.75
N VAL A 345 10.40 -19.95 9.68
CA VAL A 345 9.69 -19.21 10.73
C VAL A 345 8.66 -20.16 11.34
N SER A 346 8.73 -20.34 12.66
CA SER A 346 7.95 -21.41 13.28
C SER A 346 7.40 -21.00 14.64
N THR A 347 6.18 -21.48 14.93
CA THR A 347 5.62 -21.44 16.27
C THR A 347 4.75 -22.68 16.43
N PRO A 348 4.72 -23.28 17.63
CA PRO A 348 4.08 -24.60 17.78
C PRO A 348 2.63 -24.68 17.32
N LYS A 349 1.84 -23.64 17.53
CA LYS A 349 0.43 -23.75 17.19
C LYS A 349 0.12 -23.45 15.73
N LEU A 350 1.09 -22.95 14.96
CA LEU A 350 0.85 -22.64 13.56
C LEU A 350 1.74 -23.42 12.59
N GLY A 351 2.77 -24.10 13.07
CA GLY A 351 3.60 -24.89 12.18
C GLY A 351 4.86 -24.16 11.74
N VAL A 352 5.23 -24.31 10.47
CA VAL A 352 6.50 -23.79 9.95
C VAL A 352 6.26 -23.17 8.58
N LEU A 353 6.69 -21.93 8.42
CA LEU A 353 6.77 -21.28 7.13
C LEU A 353 8.23 -21.30 6.69
N GLU A 354 8.51 -21.98 5.59
CA GLU A 354 9.89 -22.07 5.11
C GLU A 354 9.94 -21.64 3.66
N ASN A 355 10.97 -20.86 3.34
CA ASN A 355 11.19 -20.35 1.99
C ASN A 355 12.66 -20.45 1.66
N GLU A 356 12.97 -20.32 0.37
CA GLU A 356 14.32 -20.22 -0.14
C GLU A 356 14.53 -18.81 -0.69
N VAL A 357 15.68 -18.21 -0.40
CA VAL A 357 15.95 -16.83 -0.79
C VAL A 357 16.64 -16.79 -2.15
N THR A 358 16.13 -15.94 -3.03
CA THR A 358 16.83 -15.61 -4.27
C THR A 358 16.67 -14.11 -4.49
N THR A 359 17.10 -13.60 -5.64
CA THR A 359 16.89 -12.18 -5.87
C THR A 359 15.62 -11.94 -6.67
N CYS A 360 15.05 -10.74 -6.50
CA CYS A 360 13.73 -10.45 -7.07
C CYS A 360 13.71 -10.63 -8.58
N ASP A 361 14.83 -10.35 -9.26
CA ASP A 361 14.90 -10.57 -10.70
C ASP A 361 15.01 -12.04 -11.08
N LYS A 362 15.46 -12.90 -10.19
CA LYS A 362 15.55 -14.32 -10.51
C LYS A 362 14.31 -15.10 -10.08
N ALA A 363 13.59 -14.62 -9.08
CA ALA A 363 12.32 -15.25 -8.75
C ALA A 363 11.38 -15.16 -9.93
N LYS A 364 10.45 -16.11 -10.02
CA LYS A 364 9.40 -16.03 -11.02
C LYS A 364 8.66 -14.69 -10.87
N PRO A 365 8.36 -14.01 -11.98
CA PRO A 365 7.61 -12.76 -11.89
C PRO A 365 6.19 -13.00 -11.43
N TRP A 366 5.60 -11.95 -10.84
CA TRP A 366 4.20 -11.97 -10.45
C TRP A 366 3.34 -11.83 -11.71
N THR A 367 2.69 -12.91 -12.12
CA THR A 367 1.87 -12.91 -13.33
C THR A 367 0.40 -13.20 -13.07
N PHE A 368 0.07 -13.87 -11.97
CA PHE A 368 -1.31 -14.25 -11.68
C PHE A 368 -1.91 -13.16 -10.80
N GLY A 369 -2.54 -12.17 -11.42
CA GLY A 369 -3.20 -11.08 -10.70
C GLY A 369 -4.71 -11.26 -10.65
N ILE A 370 -5.41 -10.14 -10.42
CA ILE A 370 -6.85 -10.22 -10.18
C ILE A 370 -7.56 -10.78 -11.40
N SER A 371 -7.24 -10.24 -12.58
CA SER A 371 -7.92 -10.70 -13.78
C SER A 371 -7.62 -12.17 -14.07
N ALA A 372 -6.40 -12.63 -13.78
CA ALA A 372 -6.13 -14.05 -13.99
C ALA A 372 -6.99 -14.92 -13.07
N LEU A 373 -7.18 -14.51 -11.81
CA LEU A 373 -8.05 -15.24 -10.91
C LEU A 373 -9.49 -15.25 -11.43
N ILE A 374 -9.98 -14.08 -11.86
CA ILE A 374 -11.35 -13.98 -12.35
C ILE A 374 -11.56 -14.93 -13.52
N ARG A 375 -10.68 -14.87 -14.51
CA ARG A 375 -10.80 -15.76 -15.66
C ARG A 375 -10.77 -17.21 -15.23
N ASN A 376 -9.90 -17.55 -14.29
CA ASN A 376 -9.80 -18.93 -13.83
C ASN A 376 -11.08 -19.37 -13.14
N LEU A 377 -11.58 -18.55 -12.22
CA LEU A 377 -12.81 -18.90 -11.52
C LEU A 377 -14.00 -18.95 -12.47
N ALA A 378 -14.09 -17.99 -13.40
CA ALA A 378 -15.16 -18.03 -14.39
C ALA A 378 -15.11 -19.33 -15.19
N GLY A 379 -13.91 -19.72 -15.63
CA GLY A 379 -13.80 -20.91 -16.46
C GLY A 379 -14.17 -22.18 -15.75
N ARG A 380 -14.13 -22.19 -14.43
CA ARG A 380 -14.45 -23.39 -13.66
C ARG A 380 -15.90 -23.42 -13.20
N GLY A 381 -16.70 -22.42 -13.57
CA GLY A 381 -18.09 -22.37 -13.16
C GLY A 381 -18.31 -21.98 -11.70
N LEU A 382 -17.33 -21.37 -11.06
CA LEU A 382 -17.40 -21.07 -9.64
C LEU A 382 -18.01 -19.70 -9.34
N LEU A 383 -18.40 -18.94 -10.36
CA LEU A 383 -19.01 -17.63 -10.12
C LEU A 383 -20.50 -17.66 -10.47
N VAL B 2 -21.34 16.88 -17.88
CA VAL B 2 -21.40 18.07 -18.72
C VAL B 2 -19.99 18.50 -19.14
N SER B 3 -19.92 19.43 -20.09
CA SER B 3 -18.69 19.88 -20.71
C SER B 3 -17.79 20.71 -19.81
N GLU B 4 -18.29 21.16 -18.65
CA GLU B 4 -17.48 22.02 -17.79
C GLU B 4 -16.22 21.34 -17.28
N PHE B 5 -16.19 20.01 -17.18
CA PHE B 5 -15.05 19.33 -16.59
C PHE B 5 -14.28 18.47 -17.59
N LEU B 6 -14.46 18.69 -18.89
CA LEU B 6 -13.80 17.86 -19.90
C LEU B 6 -12.72 18.67 -20.64
N PRO B 7 -11.79 17.99 -21.31
CA PRO B 7 -10.74 18.71 -22.05
C PRO B 7 -11.32 19.74 -23.02
N GLU B 8 -10.52 20.77 -23.32
CA GLU B 8 -10.95 21.82 -24.26
C GLU B 8 -11.36 21.22 -25.59
N ASP B 9 -10.64 20.20 -26.04
CA ASP B 9 -10.86 19.56 -27.33
C ASP B 9 -11.44 18.16 -27.14
N TRP B 10 -12.34 17.99 -26.16
CA TRP B 10 -12.68 16.64 -25.70
C TRP B 10 -13.37 15.82 -26.77
N LYS B 11 -14.15 16.46 -27.64
CA LYS B 11 -14.79 15.75 -28.73
C LYS B 11 -13.77 15.16 -29.70
N ALA B 12 -12.57 15.73 -29.78
CA ALA B 12 -11.51 15.18 -30.61
C ALA B 12 -10.61 14.20 -29.86
N ALA B 13 -10.80 14.03 -28.56
CA ALA B 13 -9.95 13.19 -27.74
C ALA B 13 -10.48 11.75 -27.68
N THR B 14 -9.63 10.85 -27.18
CA THR B 14 -10.07 9.51 -26.76
C THR B 14 -9.97 9.44 -25.24
N LEU B 15 -11.12 9.32 -24.58
CA LEU B 15 -11.18 9.24 -23.12
C LEU B 15 -11.62 7.86 -22.68
N LEU B 16 -10.99 7.35 -21.63
CA LEU B 16 -11.24 6.03 -21.09
C LEU B 16 -11.61 6.14 -19.62
N GLY B 17 -12.71 5.54 -19.23
CA GLY B 17 -13.16 5.65 -17.87
C GLY B 17 -14.18 4.60 -17.52
N ARG B 18 -14.94 4.88 -16.48
CA ARG B 18 -15.91 3.93 -15.94
C ARG B 18 -17.15 4.70 -15.58
N ILE B 19 -18.30 4.18 -15.97
CA ILE B 19 -19.60 4.79 -15.71
C ILE B 19 -20.53 3.69 -15.23
N ASP B 20 -21.34 4.00 -14.22
CA ASP B 20 -22.41 3.11 -13.79
C ASP B 20 -23.71 3.64 -14.40
N PHE B 21 -24.24 2.91 -15.39
CA PHE B 21 -25.49 3.30 -16.02
C PHE B 21 -26.70 2.81 -15.26
N GLY B 22 -26.51 2.04 -14.19
CA GLY B 22 -27.65 1.52 -13.46
C GLY B 22 -27.49 0.05 -13.14
N GLU B 23 -26.53 -0.62 -13.78
CA GLU B 23 -26.29 -2.04 -13.56
C GLU B 23 -24.94 -2.33 -12.96
N GLY B 24 -24.11 -1.31 -12.72
CA GLY B 24 -22.81 -1.51 -12.13
C GLY B 24 -21.72 -0.84 -12.95
N PRO B 25 -20.46 -0.95 -12.50
CA PRO B 25 -19.37 -0.26 -13.20
C PRO B 25 -19.18 -0.81 -14.60
N THR B 26 -18.91 0.09 -15.53
CA THR B 26 -18.82 -0.25 -16.95
C THR B 26 -17.62 0.48 -17.55
N PRO B 27 -16.66 -0.21 -18.16
CA PRO B 27 -15.60 0.52 -18.87
C PRO B 27 -16.18 1.21 -20.09
N VAL B 28 -15.85 2.50 -20.26
CA VAL B 28 -16.36 3.26 -21.40
C VAL B 28 -15.19 3.93 -22.11
N LEU B 29 -15.36 4.13 -23.42
CA LEU B 29 -14.54 5.04 -24.19
C LEU B 29 -15.43 6.19 -24.66
N VAL B 30 -14.87 7.41 -24.67
CA VAL B 30 -15.57 8.56 -25.22
C VAL B 30 -14.79 8.99 -26.45
N ARG B 31 -15.40 8.83 -27.63
CA ARG B 31 -14.79 9.24 -28.89
C ARG B 31 -15.80 10.03 -29.71
N GLY B 32 -15.32 11.07 -30.40
CA GLY B 32 -16.23 11.94 -31.11
C GLY B 32 -17.30 12.56 -30.21
N GLY B 33 -17.02 12.64 -28.92
CA GLY B 33 -18.00 13.14 -27.98
C GLY B 33 -19.07 12.14 -27.57
N ARG B 34 -19.03 10.92 -28.10
CA ARG B 34 -20.04 9.92 -27.78
C ARG B 34 -19.48 8.80 -26.92
N VAL B 35 -20.32 8.31 -26.01
CA VAL B 35 -19.94 7.28 -25.05
C VAL B 35 -20.12 5.90 -25.69
N GLU B 36 -19.12 5.04 -25.54
CA GLU B 36 -19.22 3.64 -25.93
C GLU B 36 -19.06 2.78 -24.68
N ASP B 37 -20.05 1.93 -24.42
CA ASP B 37 -19.92 0.86 -23.44
C ASP B 37 -19.07 -0.23 -24.07
N VAL B 38 -17.86 -0.45 -23.57
CA VAL B 38 -16.97 -1.45 -24.17
C VAL B 38 -16.90 -2.72 -23.32
N SER B 39 -17.89 -2.94 -22.45
CA SER B 39 -17.83 -4.09 -21.55
C SER B 39 -17.81 -5.41 -22.29
N LYS B 40 -18.40 -5.48 -23.48
CA LYS B 40 -18.34 -6.75 -24.19
C LYS B 40 -17.01 -6.93 -24.92
N ILE B 41 -16.24 -5.85 -25.09
CA ILE B 41 -14.88 -5.99 -25.63
C ILE B 41 -13.92 -6.47 -24.54
N ALA B 42 -14.01 -5.86 -23.36
CA ALA B 42 -13.25 -6.28 -22.17
C ALA B 42 -14.05 -5.81 -20.97
N PRO B 43 -14.15 -6.62 -19.91
CA PRO B 43 -15.07 -6.28 -18.82
C PRO B 43 -14.53 -5.26 -17.82
N THR B 44 -13.24 -4.91 -17.89
CA THR B 44 -12.67 -3.90 -17.01
C THR B 44 -11.71 -3.03 -17.82
N VAL B 45 -11.36 -1.89 -17.25
CA VAL B 45 -10.37 -1.02 -17.87
C VAL B 45 -9.01 -1.71 -17.91
N ALA B 46 -8.62 -2.37 -16.82
CA ALA B 46 -7.38 -3.11 -16.79
C ALA B 46 -7.32 -4.16 -17.89
N ASP B 47 -8.42 -4.91 -18.07
CA ASP B 47 -8.43 -5.93 -19.12
C ASP B 47 -8.34 -5.31 -20.51
N LEU B 48 -9.01 -4.16 -20.73
CA LEU B 48 -8.96 -3.50 -22.03
C LEU B 48 -7.53 -3.09 -22.39
N MET B 49 -6.80 -2.50 -21.43
CA MET B 49 -5.41 -2.12 -21.71
C MET B 49 -4.52 -3.33 -21.96
N ASN B 50 -4.82 -4.46 -21.32
CA ASN B 50 -4.02 -5.66 -21.57
C ASN B 50 -4.42 -6.38 -22.85
N ALA B 51 -5.56 -6.04 -23.44
CA ALA B 51 -5.98 -6.70 -24.67
C ALA B 51 -5.54 -5.95 -25.92
N PHE B 52 -5.24 -4.66 -25.80
CA PHE B 52 -4.85 -3.84 -26.94
C PHE B 52 -3.58 -3.08 -26.60
N GLN B 53 -2.52 -3.32 -27.36
CA GLN B 53 -1.24 -2.65 -27.15
C GLN B 53 -1.35 -1.19 -27.55
N PRO B 54 -0.42 -0.35 -27.10
CA PRO B 54 -0.46 1.05 -27.52
C PRO B 54 -0.33 1.14 -29.02
N GLY B 55 -1.04 2.09 -29.63
CA GLY B 55 -1.10 2.21 -31.06
C GLY B 55 -2.17 1.38 -31.74
N ALA B 56 -2.62 0.29 -31.10
CA ALA B 56 -3.68 -0.55 -31.68
C ALA B 56 -5.01 0.15 -31.52
N VAL B 57 -5.80 0.18 -32.59
CA VAL B 57 -7.12 0.80 -32.52
C VAL B 57 -8.06 -0.13 -31.78
N ILE B 58 -8.78 0.41 -30.80
CA ILE B 58 -9.74 -0.35 -30.03
C ILE B 58 -11.06 -0.32 -30.80
N PRO B 59 -11.68 -1.47 -31.07
CA PRO B 59 -12.90 -1.47 -31.88
C PRO B 59 -14.03 -0.78 -31.14
N ARG B 60 -15.10 -0.51 -31.88
CA ARG B 60 -16.18 0.29 -31.36
C ARG B 60 -17.10 -0.52 -30.43
N GLY B 61 -17.44 0.09 -29.31
CA GLY B 61 -18.36 -0.48 -28.34
C GLY B 61 -19.82 -0.15 -28.66
N GLU B 62 -20.67 -0.31 -27.65
CA GLU B 62 -22.09 -0.05 -27.80
C GLU B 62 -22.35 1.43 -27.56
N ASP B 63 -22.98 2.09 -28.54
CA ASP B 63 -23.19 3.54 -28.46
C ASP B 63 -24.19 3.88 -27.36
N LYS B 64 -23.80 4.80 -26.47
CA LYS B 64 -24.64 5.25 -25.37
C LYS B 64 -25.05 6.72 -25.50
N GLY B 65 -24.88 7.30 -26.69
CA GLY B 65 -25.27 8.68 -26.93
C GLY B 65 -24.21 9.69 -26.57
N PRO B 66 -24.47 10.96 -26.88
CA PRO B 66 -23.50 12.02 -26.52
C PRO B 66 -23.27 12.05 -25.02
N LEU B 67 -22.02 12.31 -24.63
CA LEU B 67 -21.67 12.32 -23.21
C LEU B 67 -22.43 13.41 -22.47
N GLU B 68 -22.63 14.57 -23.12
CA GLU B 68 -23.30 15.67 -22.43
C GLU B 68 -24.78 15.41 -22.22
N ALA B 69 -25.36 14.44 -22.93
CA ALA B 69 -26.76 14.07 -22.74
C ALA B 69 -27.00 13.18 -21.53
N LEU B 70 -25.95 12.63 -20.94
CA LEU B 70 -26.10 11.77 -19.77
C LEU B 70 -26.29 12.62 -18.52
N ASP B 71 -27.24 12.20 -17.67
CA ASP B 71 -27.58 12.95 -16.46
C ASP B 71 -26.60 12.55 -15.36
N ILE B 72 -25.39 13.11 -15.46
CA ILE B 72 -24.33 12.94 -14.47
C ILE B 72 -24.35 14.14 -13.54
N ARG B 73 -24.23 13.88 -12.23
CA ARG B 73 -24.28 15.02 -11.30
C ARG B 73 -23.22 14.86 -10.21
N PRO B 74 -22.60 15.94 -9.79
CA PRO B 74 -21.63 15.87 -8.69
C PRO B 74 -22.31 15.80 -7.33
N VAL B 75 -21.57 15.27 -6.34
CA VAL B 75 -22.17 15.02 -5.03
C VAL B 75 -22.61 16.32 -4.35
N TRP B 76 -21.94 17.43 -4.64
CA TRP B 76 -22.39 18.68 -4.01
C TRP B 76 -23.72 19.15 -4.59
N GLU B 77 -24.15 18.61 -5.74
CA GLU B 77 -25.46 18.90 -6.29
C GLU B 77 -26.41 17.72 -6.21
N ASP B 78 -25.94 16.53 -5.83
CA ASP B 78 -26.78 15.34 -5.75
C ASP B 78 -26.35 14.48 -4.58
N PRO B 79 -26.54 14.96 -3.35
CA PRO B 79 -25.98 14.24 -2.19
C PRO B 79 -26.53 12.82 -2.02
N ASP B 80 -27.80 12.58 -2.36
CA ASP B 80 -28.40 11.26 -2.21
C ASP B 80 -28.28 10.38 -3.45
N GLY B 81 -27.60 10.84 -4.50
CA GLY B 81 -27.42 10.00 -5.67
C GLY B 81 -28.69 9.71 -6.44
N ALA B 82 -29.53 10.73 -6.65
CA ALA B 82 -30.74 10.56 -7.46
C ALA B 82 -30.44 10.44 -8.95
N ALA B 83 -29.25 10.78 -9.41
CA ALA B 83 -28.97 10.75 -10.84
C ALA B 83 -29.01 9.31 -11.35
N PRO B 84 -29.58 9.09 -12.55
CA PRO B 84 -29.63 7.72 -13.09
C PRO B 84 -28.27 7.17 -13.49
N VAL B 85 -27.30 8.03 -13.75
CA VAL B 85 -25.98 7.66 -14.23
C VAL B 85 -24.94 8.26 -13.29
N LYS B 86 -23.87 7.53 -13.05
CA LYS B 86 -22.83 7.97 -12.13
C LYS B 86 -21.45 7.75 -12.74
N LEU B 87 -20.64 8.80 -12.77
CA LEU B 87 -19.26 8.71 -13.26
C LEU B 87 -18.38 8.20 -12.13
N LEU B 88 -17.54 7.22 -12.42
CA LEU B 88 -16.68 6.61 -11.41
C LEU B 88 -15.22 6.99 -11.65
N ALA B 89 -14.35 6.61 -10.71
CA ALA B 89 -12.92 6.70 -10.97
C ALA B 89 -12.59 5.87 -12.20
N PRO B 90 -11.66 6.31 -13.05
CA PRO B 90 -11.37 5.54 -14.27
C PRO B 90 -10.47 4.35 -14.06
N VAL B 91 -10.09 4.00 -12.83
CA VAL B 91 -9.30 2.80 -12.57
C VAL B 91 -10.23 1.71 -12.05
N ASP B 92 -9.86 0.44 -12.29
CA ASP B 92 -10.47 -0.64 -11.51
C ASP B 92 -9.44 -1.59 -10.92
N LEU B 93 -8.86 -2.49 -11.71
CA LEU B 93 -7.98 -3.51 -11.12
C LEU B 93 -6.54 -3.04 -10.93
N GLN B 94 -6.19 -1.86 -11.39
CA GLN B 94 -4.83 -1.35 -11.27
C GLN B 94 -4.42 -1.11 -9.82
N CYS B 95 -3.14 -1.40 -9.51
CA CYS B 95 -2.54 -0.91 -8.27
C CYS B 95 -2.39 0.60 -8.32
N LEU B 96 -2.59 1.26 -7.18
CA LEU B 96 -2.55 2.72 -7.13
C LEU B 96 -1.22 3.11 -6.51
N LYS B 97 -0.29 3.52 -7.37
CA LYS B 97 1.08 3.87 -7.03
C LYS B 97 1.25 5.39 -7.07
N ALA B 98 2.19 5.91 -6.27
CA ALA B 98 2.46 7.36 -6.25
C ALA B 98 3.94 7.63 -6.08
N ALA B 99 4.43 8.67 -6.76
CA ALA B 99 5.78 9.17 -6.53
C ALA B 99 5.74 10.36 -5.59
N GLY B 100 6.82 10.56 -4.83
CA GLY B 100 6.93 11.69 -3.93
C GLY B 100 8.13 12.57 -4.25
N VAL B 101 8.08 13.80 -3.71
CA VAL B 101 9.09 14.86 -3.82
C VAL B 101 9.76 14.89 -5.19
N THR B 102 8.95 14.95 -6.25
CA THR B 102 9.44 15.14 -7.60
C THR B 102 9.38 16.61 -8.03
N PHE B 103 8.83 17.48 -7.19
CA PHE B 103 8.89 18.93 -7.41
C PHE B 103 9.56 19.58 -6.21
N ALA B 104 10.39 20.59 -6.48
CA ALA B 104 11.16 21.22 -5.41
C ALA B 104 10.27 21.87 -4.37
N VAL B 105 9.17 22.50 -4.80
CA VAL B 105 8.29 23.19 -3.85
C VAL B 105 7.75 22.20 -2.82
N SER B 106 7.47 20.97 -3.23
CA SER B 106 7.05 19.96 -2.28
C SER B 106 8.21 19.49 -1.41
N THR B 107 9.39 19.26 -2.00
CA THR B 107 10.52 18.78 -1.22
C THR B 107 10.80 19.71 -0.03
N LEU B 108 10.83 21.02 -0.28
CA LEU B 108 11.08 21.98 0.79
C LEU B 108 10.01 21.85 1.88
N GLU B 109 8.74 21.73 1.50
CA GLU B 109 7.71 21.68 2.53
C GLU B 109 7.76 20.37 3.31
N ARG B 110 8.31 19.29 2.71
CA ARG B 110 8.49 18.05 3.43
C ARG B 110 9.57 18.18 4.50
N VAL B 111 10.70 18.80 4.17
CA VAL B 111 11.74 19.03 5.18
C VAL B 111 11.21 19.93 6.28
N ILE B 112 10.41 20.92 5.91
CA ILE B 112 9.85 21.84 6.91
C ILE B 112 8.98 21.08 7.91
N GLU B 113 8.04 20.27 7.42
CA GLU B 113 7.12 19.58 8.34
C GLU B 113 7.86 18.54 9.16
N GLU B 114 8.93 17.97 8.58
CA GLU B 114 9.77 17.02 9.32
C GLU B 114 10.45 17.69 10.50
N ARG B 115 11.08 18.84 10.26
CA ARG B 115 11.75 19.55 11.35
C ARG B 115 10.75 20.12 12.33
N ALA B 116 9.54 20.41 11.86
CA ALA B 116 8.46 20.86 12.74
C ALA B 116 7.83 19.73 13.53
N ARG B 117 8.19 18.48 13.22
CA ARG B 117 7.58 17.30 13.82
C ARG B 117 6.05 17.34 13.70
N GLY B 118 5.59 17.85 12.56
CA GLY B 118 4.17 17.88 12.26
C GLY B 118 3.39 19.00 12.90
N ASP B 119 4.06 19.93 13.58
CA ASP B 119 3.40 21.03 14.28
C ASP B 119 3.30 22.23 13.35
N ALA B 120 2.08 22.54 12.90
CA ALA B 120 1.88 23.63 11.96
C ALA B 120 2.38 24.97 12.51
N GLY B 121 2.35 25.16 13.83
CA GLY B 121 2.78 26.42 14.41
C GLY B 121 4.27 26.68 14.32
N GLU B 122 5.06 25.71 13.88
CA GLU B 122 6.50 25.88 13.74
C GLU B 122 6.94 26.08 12.29
N ALA B 123 6.01 25.99 11.33
CA ALA B 123 6.40 25.99 9.91
C ALA B 123 6.99 27.33 9.48
N LEU B 124 6.36 28.43 9.88
CA LEU B 124 6.84 29.75 9.47
C LEU B 124 8.31 29.94 9.84
N LYS B 125 8.66 29.66 11.08
CA LYS B 125 10.04 29.85 11.54
C LYS B 125 11.01 28.99 10.76
N ILE B 126 10.66 27.73 10.56
CA ILE B 126 11.55 26.81 9.85
C ILE B 126 11.64 27.18 8.36
N ARG B 127 10.50 27.51 7.74
CA ARG B 127 10.51 27.92 6.33
C ARG B 127 11.41 29.12 6.12
N THR B 128 11.34 30.11 7.01
CA THR B 128 12.18 31.30 6.89
C THR B 128 13.66 30.93 6.87
N LEU B 129 14.05 29.98 7.73
CA LEU B 129 15.44 29.54 7.74
C LEU B 129 15.78 28.77 6.47
N LEU B 130 15.00 27.74 6.15
CA LEU B 130 15.40 26.79 5.13
C LEU B 130 15.27 27.37 3.72
N ALA B 131 14.24 28.17 3.48
CA ALA B 131 13.96 28.60 2.11
C ALA B 131 15.12 29.40 1.54
N GLU B 132 15.81 30.15 2.39
CA GLU B 132 16.92 30.96 1.91
C GLU B 132 18.19 30.12 1.73
N ARG B 133 18.49 29.21 2.66
CA ARG B 133 19.76 28.47 2.59
C ARG B 133 19.77 27.52 1.41
N MET B 134 18.63 26.89 1.12
CA MET B 134 18.43 26.05 -0.04
C MET B 134 17.67 26.84 -1.09
N GLY B 135 17.03 26.15 -2.02
CA GLY B 135 16.33 26.87 -3.05
C GLY B 135 17.32 27.42 -4.05
N GLY B 136 17.14 27.06 -5.32
CA GLY B 136 18.22 27.14 -6.27
C GLY B 136 19.23 26.03 -6.14
N ASP B 137 19.18 25.25 -5.06
CA ASP B 137 20.06 24.09 -4.90
C ASP B 137 19.43 22.80 -5.43
N LEU B 138 18.16 22.54 -5.08
CA LEU B 138 17.61 21.21 -5.34
C LEU B 138 17.53 20.92 -6.84
N LYS B 139 17.15 21.90 -7.64
CA LYS B 139 17.04 21.68 -9.08
C LYS B 139 18.34 21.96 -9.82
N SER B 140 19.46 22.12 -9.11
CA SER B 140 20.73 22.36 -9.76
C SER B 140 21.43 21.09 -10.21
N VAL B 141 20.89 19.91 -9.88
CA VAL B 141 21.47 18.65 -10.30
C VAL B 141 20.36 17.77 -10.90
N GLU B 142 20.78 16.78 -11.69
CA GLU B 142 19.89 15.72 -12.12
C GLU B 142 19.84 14.63 -11.05
N PRO B 143 18.65 14.27 -10.55
CA PRO B 143 18.56 13.20 -9.54
C PRO B 143 19.25 11.91 -10.00
N GLY B 144 20.00 11.30 -9.08
CA GLY B 144 20.70 10.07 -9.36
C GLY B 144 22.01 10.23 -10.11
N SER B 145 22.42 11.45 -10.44
CA SER B 145 23.67 11.68 -11.15
C SER B 145 24.85 11.71 -10.18
N GLN B 146 26.05 11.72 -10.75
CA GLN B 146 27.24 11.96 -9.95
C GLN B 146 27.20 13.36 -9.34
N GLY B 147 26.78 14.36 -10.12
CA GLY B 147 26.57 15.69 -9.57
C GLY B 147 25.69 15.67 -8.34
N ALA B 148 24.57 14.92 -8.39
CA ALA B 148 23.67 14.87 -7.25
C ALA B 148 24.36 14.28 -6.03
N GLN B 149 25.29 13.34 -6.23
CA GLN B 149 26.00 12.76 -5.09
C GLN B 149 26.95 13.79 -4.47
N ARG B 150 27.55 14.65 -5.31
CA ARG B 150 28.41 15.68 -4.75
C ARG B 150 27.62 16.78 -4.06
N LEU B 151 26.41 17.09 -4.56
CA LEU B 151 25.56 18.03 -3.83
C LEU B 151 25.10 17.43 -2.50
N LYS B 152 24.84 16.12 -2.48
CA LYS B 152 24.48 15.49 -1.20
C LYS B 152 25.59 15.67 -0.17
N ASP B 153 26.85 15.52 -0.60
CA ASP B 153 27.96 15.67 0.34
C ASP B 153 28.09 17.11 0.82
N ALA B 154 27.79 18.09 -0.04
CA ALA B 154 27.81 19.50 0.36
C ALA B 154 26.73 19.79 1.40
N LEU B 155 25.50 19.31 1.14
CA LEU B 155 24.38 19.57 2.05
C LEU B 155 24.59 18.87 3.39
N ILE B 156 25.16 17.66 3.39
CA ILE B 156 25.55 17.02 4.64
C ILE B 156 26.52 17.89 5.41
N ALA B 157 27.52 18.46 4.72
CA ALA B 157 28.47 19.32 5.41
C ALA B 157 27.79 20.59 5.92
N ASP B 158 26.76 21.07 5.21
CA ASP B 158 26.00 22.23 5.64
C ASP B 158 25.13 21.97 6.86
N GLY B 159 24.89 20.71 7.21
CA GLY B 159 23.84 20.42 8.16
C GLY B 159 22.44 20.55 7.63
N LEU B 160 22.27 20.46 6.31
CA LEU B 160 20.97 20.61 5.69
C LEU B 160 20.40 19.30 5.17
N TRP B 161 21.08 18.17 5.39
CA TRP B 161 20.63 16.94 4.76
C TRP B 161 19.36 16.41 5.44
N SER B 162 18.60 15.63 4.68
CA SER B 162 17.34 15.09 5.16
C SER B 162 17.04 13.84 4.37
N GLN B 163 16.35 12.89 5.02
CA GLN B 163 15.87 11.71 4.34
C GLN B 163 14.99 12.05 3.15
N TYR B 164 14.34 13.23 3.16
CA TYR B 164 13.57 13.62 1.99
C TYR B 164 14.46 14.06 0.84
N LEU B 165 15.63 14.63 1.14
CA LEU B 165 16.53 15.00 0.05
C LEU B 165 17.12 13.77 -0.62
N GLU B 166 17.30 12.68 0.13
CA GLU B 166 17.78 11.43 -0.45
C GLU B 166 16.86 10.95 -1.56
N VAL B 167 15.53 10.97 -1.31
CA VAL B 167 14.63 10.54 -2.38
C VAL B 167 14.37 11.66 -3.39
N ALA B 168 14.69 12.91 -3.05
CA ALA B 168 14.51 13.96 -4.04
C ALA B 168 15.62 13.95 -5.09
N ILE B 169 16.86 13.72 -4.68
CA ILE B 169 17.99 13.82 -5.62
C ILE B 169 18.81 12.54 -5.71
N GLY B 170 18.57 11.55 -4.86
CA GLY B 170 19.32 10.31 -4.92
C GLY B 170 18.85 9.41 -6.05
N PRO B 171 19.50 8.25 -6.18
CA PRO B 171 19.17 7.38 -7.32
C PRO B 171 17.80 6.73 -7.23
N ASP B 172 17.22 6.57 -6.04
CA ASP B 172 15.92 5.92 -5.91
C ASP B 172 14.84 6.97 -5.62
N ALA B 173 13.88 7.07 -6.52
CA ALA B 173 12.71 7.91 -6.26
C ALA B 173 11.87 7.29 -5.16
N GLU B 174 11.14 8.15 -4.45
CA GLU B 174 10.13 7.73 -3.49
C GLU B 174 8.90 7.24 -4.25
N ILE B 175 8.60 5.95 -4.16
CA ILE B 175 7.37 5.39 -4.73
C ILE B 175 6.67 4.58 -3.64
N PHE B 176 5.38 4.80 -3.48
CA PHE B 176 4.61 4.11 -2.45
C PHE B 176 3.22 3.77 -3.00
N THR B 177 2.46 3.02 -2.21
CA THR B 177 1.10 2.64 -2.57
C THR B 177 0.14 3.69 -2.03
N LYS B 178 -0.63 4.33 -2.92
CA LYS B 178 -1.47 5.43 -2.46
C LYS B 178 -2.73 4.90 -1.74
N GLY B 179 -3.31 3.81 -2.23
CA GLY B 179 -4.42 3.19 -1.56
C GLY B 179 -4.71 1.85 -2.20
N PRO B 180 -5.69 1.11 -1.67
CA PRO B 180 -5.99 -0.23 -2.20
C PRO B 180 -6.71 -0.18 -3.53
N THR B 181 -6.58 -1.28 -4.27
CA THR B 181 -7.27 -1.44 -5.55
C THR B 181 -8.77 -1.28 -5.36
N LEU B 182 -9.40 -0.50 -6.26
CA LEU B 182 -10.83 -0.22 -6.30
C LEU B 182 -11.30 0.77 -5.23
N SER B 183 -10.39 1.39 -4.47
CA SER B 183 -10.77 2.34 -3.42
C SER B 183 -10.80 3.80 -3.89
N SER B 184 -10.34 4.09 -5.09
CA SER B 184 -10.24 5.49 -5.52
C SER B 184 -11.60 6.14 -5.67
N MET B 185 -11.64 7.43 -5.36
CA MET B 185 -12.72 8.33 -5.73
C MET B 185 -12.47 8.85 -7.14
N GLY B 186 -13.49 9.45 -7.74
CA GLY B 186 -13.34 10.07 -9.04
C GLY B 186 -13.88 11.48 -9.06
N TRP B 187 -14.07 12.05 -10.25
CA TRP B 187 -14.70 13.37 -10.36
C TRP B 187 -16.04 13.40 -9.64
N GLY B 188 -16.31 14.51 -8.95
CA GLY B 188 -17.61 14.73 -8.35
C GLY B 188 -17.87 14.00 -7.06
N ASP B 189 -16.88 13.27 -6.54
CA ASP B 189 -17.01 12.56 -5.28
C ASP B 189 -16.53 13.40 -4.10
N GLN B 190 -16.91 12.97 -2.90
CA GLN B 190 -16.27 13.48 -1.70
C GLN B 190 -14.93 12.80 -1.48
N VAL B 191 -13.95 13.58 -1.05
CA VAL B 191 -12.67 13.02 -0.59
C VAL B 191 -12.58 13.25 0.91
N GLY B 192 -11.72 12.47 1.57
CA GLY B 192 -11.66 12.56 3.02
C GLY B 192 -10.31 12.90 3.61
N VAL B 193 -10.28 13.89 4.54
CA VAL B 193 -9.15 14.08 5.44
C VAL B 193 -9.52 13.46 6.79
N ARG B 194 -8.56 12.79 7.42
CA ARG B 194 -8.84 12.22 8.74
C ARG B 194 -9.38 13.27 9.70
N TYR B 195 -10.33 12.89 10.54
CA TYR B 195 -10.90 13.87 11.46
C TYR B 195 -9.91 14.28 12.53
N ASP B 196 -8.86 13.47 12.77
CA ASP B 196 -7.86 13.79 13.75
C ASP B 196 -6.62 14.45 13.14
N SER B 197 -6.73 14.92 11.90
CA SER B 197 -5.64 15.67 11.26
C SER B 197 -5.98 17.14 11.28
N HIS B 198 -5.03 17.98 11.70
CA HIS B 198 -5.25 19.41 11.76
C HIS B 198 -4.27 20.20 10.90
N TRP B 199 -3.56 19.52 10.00
CA TRP B 199 -2.66 20.21 9.07
C TRP B 199 -2.64 19.36 7.80
N ASN B 200 -3.43 19.76 6.80
CA ASN B 200 -3.62 18.89 5.64
C ASN B 200 -3.91 19.73 4.41
N ASN B 201 -3.95 19.09 3.24
CA ASN B 201 -3.93 19.84 1.98
C ASN B 201 -4.26 18.91 0.83
N PRO B 202 -4.74 19.45 -0.29
CA PRO B 202 -4.79 18.67 -1.52
C PRO B 202 -3.41 18.64 -2.15
N GLU B 203 -3.21 17.67 -3.05
CA GLU B 203 -1.99 17.57 -3.83
C GLU B 203 -2.39 17.30 -5.27
N PRO B 204 -2.55 18.35 -6.07
CA PRO B 204 -2.84 18.16 -7.50
C PRO B 204 -1.68 17.45 -8.18
N GLU B 205 -2.00 16.44 -9.00
CA GLU B 205 -0.98 15.72 -9.73
C GLU B 205 -1.54 15.24 -11.06
N VAL B 206 -0.65 14.92 -11.97
CA VAL B 206 -0.99 14.17 -13.17
C VAL B 206 -0.77 12.71 -12.84
N VAL B 207 -1.71 11.86 -13.29
CA VAL B 207 -1.71 10.44 -12.99
C VAL B 207 -1.59 9.68 -14.31
N LEU B 208 -0.54 8.88 -14.44
CA LEU B 208 -0.37 8.03 -15.60
C LEU B 208 -1.16 6.74 -15.46
N LEU B 209 -1.66 6.22 -16.58
CA LEU B 209 -2.18 4.86 -16.64
C LEU B 209 -1.12 3.99 -17.32
N CYS B 210 -0.73 2.91 -16.66
CA CYS B 210 0.16 1.92 -17.28
C CYS B 210 -0.53 0.56 -17.34
N ASP B 211 -0.23 -0.20 -18.40
CA ASP B 211 -0.83 -1.51 -18.56
C ASP B 211 0.04 -2.55 -17.85
N GLY B 212 -0.32 -3.83 -18.00
CA GLY B 212 0.36 -4.93 -17.37
C GLY B 212 1.70 -5.29 -17.97
N SER B 213 2.10 -4.61 -19.04
CA SER B 213 3.45 -4.67 -19.55
C SER B 213 4.27 -3.45 -19.16
N GLY B 214 3.76 -2.61 -18.28
CA GLY B 214 4.48 -1.44 -17.85
C GLY B 214 4.47 -0.28 -18.82
N LEU B 215 3.68 -0.38 -19.89
CA LEU B 215 3.67 0.68 -20.89
C LEU B 215 2.71 1.80 -20.52
N ILE B 216 3.18 3.04 -20.70
CA ILE B 216 2.38 4.22 -20.41
C ILE B 216 1.32 4.39 -21.48
N ARG B 217 0.08 4.58 -21.07
CA ARG B 217 -1.00 4.52 -22.02
C ARG B 217 -1.81 5.79 -22.12
N GLY B 218 -1.72 6.67 -21.14
CA GLY B 218 -2.56 7.86 -21.10
C GLY B 218 -2.43 8.51 -19.74
N ALA B 219 -3.23 9.55 -19.53
CA ALA B 219 -3.06 10.36 -18.32
C ALA B 219 -4.40 10.88 -17.81
N ALA B 220 -4.50 11.04 -16.49
CA ALA B 220 -5.63 11.70 -15.85
C ALA B 220 -5.10 12.69 -14.82
N LEU B 221 -6.01 13.40 -14.15
CA LEU B 221 -5.68 14.29 -13.05
C LEU B 221 -5.91 13.56 -11.74
N GLY B 222 -5.24 14.01 -10.68
CA GLY B 222 -5.33 13.34 -9.39
C GLY B 222 -5.30 14.33 -8.26
N ASN B 223 -5.92 13.94 -7.15
CA ASN B 223 -5.77 14.66 -5.88
C ASN B 223 -5.29 13.66 -4.83
N ASP B 224 -4.01 13.76 -4.44
CA ASP B 224 -3.43 12.91 -3.41
C ASP B 224 -3.63 13.62 -2.06
N VAL B 225 -4.80 13.41 -1.47
CA VAL B 225 -5.13 14.10 -0.20
C VAL B 225 -4.10 13.73 0.85
N ASN B 226 -3.58 14.74 1.56
CA ASN B 226 -2.34 14.62 2.31
C ASN B 226 -2.46 15.21 3.71
N LEU B 227 -1.94 14.49 4.71
CA LEU B 227 -1.98 14.91 6.12
C LEU B 227 -0.56 15.25 6.57
N ARG B 228 -0.27 16.55 6.66
CA ARG B 228 1.08 17.00 7.03
C ARG B 228 1.41 16.75 8.49
N ASP B 229 0.42 16.82 9.38
CA ASP B 229 0.75 16.60 10.79
C ASP B 229 1.11 15.14 11.04
N PHE B 230 0.52 14.20 10.31
CA PHE B 230 0.92 12.81 10.47
C PHE B 230 2.31 12.57 9.89
N GLU B 231 2.54 13.00 8.65
CA GLU B 231 3.81 12.69 8.02
C GLU B 231 4.97 13.45 8.68
N GLY B 232 4.73 14.69 9.11
CA GLY B 232 5.78 15.44 9.78
C GLY B 232 6.16 14.85 11.12
N ARG B 233 5.20 14.23 11.82
CA ARG B 233 5.51 13.56 13.07
C ARG B 233 6.45 12.39 12.87
N SER B 234 6.29 11.67 11.76
CA SER B 234 7.15 10.54 11.44
C SER B 234 6.95 10.12 9.99
N ALA B 235 8.03 10.05 9.22
CA ALA B 235 7.91 9.54 7.85
C ALA B 235 7.43 8.10 7.82
N LEU B 236 7.61 7.34 8.91
CA LEU B 236 7.04 6.00 8.97
C LEU B 236 5.52 6.04 9.01
N LEU B 237 4.92 7.19 9.29
CA LEU B 237 3.47 7.36 9.19
C LEU B 237 3.02 7.79 7.79
N LEU B 238 3.90 7.69 6.79
CA LEU B 238 3.51 8.06 5.41
C LEU B 238 2.20 7.40 5.00
N SER B 239 2.06 6.08 5.21
CA SER B 239 0.85 5.41 4.74
C SER B 239 -0.38 5.99 5.42
N LYS B 240 -0.31 6.21 6.73
CA LYS B 240 -1.43 6.82 7.45
C LYS B 240 -1.66 8.27 7.03
N ALA B 241 -0.63 8.95 6.53
CA ALA B 241 -0.80 10.30 6.01
C ALA B 241 -1.46 10.32 4.65
N LYS B 242 -1.45 9.20 3.93
CA LYS B 242 -1.85 9.16 2.53
C LYS B 242 -3.04 8.25 2.26
N ASP B 243 -3.24 7.21 3.06
CA ASP B 243 -4.13 6.10 2.73
C ASP B 243 -5.21 5.98 3.80
N ASN B 244 -6.34 6.62 3.55
CA ASN B 244 -7.51 6.57 4.43
C ASN B 244 -8.76 6.56 3.55
N ASN B 245 -9.91 6.34 4.19
CA ASN B 245 -11.15 6.26 3.42
C ASN B 245 -11.32 7.50 2.55
N ALA B 246 -11.41 7.29 1.23
CA ALA B 246 -11.70 8.35 0.25
C ALA B 246 -10.58 9.38 0.15
N SER B 247 -9.33 9.01 0.43
CA SER B 247 -8.20 9.94 0.36
C SER B 247 -7.56 10.01 -1.01
N CYS B 248 -8.09 9.28 -1.99
CA CYS B 248 -7.51 9.23 -3.33
C CYS B 248 -8.57 9.63 -4.35
N ALA B 249 -8.24 10.56 -5.23
CA ALA B 249 -9.15 10.94 -6.33
C ALA B 249 -8.37 10.96 -7.64
N ILE B 250 -8.92 10.28 -8.63
CA ILE B 250 -8.33 10.25 -10.00
C ILE B 250 -9.48 10.51 -10.98
N GLY B 251 -9.26 11.32 -12.01
CA GLY B 251 -10.30 11.55 -13.02
C GLY B 251 -10.11 12.82 -13.79
N PRO B 252 -11.16 13.30 -14.53
CA PRO B 252 -12.43 12.59 -14.69
C PRO B 252 -12.32 11.31 -15.53
N PHE B 253 -11.44 11.31 -16.51
CA PHE B 253 -11.14 10.17 -17.36
C PHE B 253 -9.64 10.09 -17.56
N PHE B 254 -9.16 8.93 -17.98
CA PHE B 254 -7.84 8.88 -18.61
C PHE B 254 -7.99 9.32 -20.06
N ARG B 255 -7.17 10.26 -20.49
CA ARG B 255 -7.04 10.57 -21.92
C ARG B 255 -5.96 9.67 -22.50
N LEU B 256 -6.31 8.88 -23.51
CA LEU B 256 -5.36 7.96 -24.11
C LEU B 256 -4.52 8.67 -25.16
N PHE B 257 -3.26 8.25 -25.27
CA PHE B 257 -2.36 8.82 -26.25
C PHE B 257 -2.81 8.48 -27.66
N ASP B 258 -2.73 9.47 -28.54
CA ASP B 258 -3.02 9.30 -29.96
C ASP B 258 -2.43 10.50 -30.69
N GLU B 259 -2.96 10.80 -31.88
CA GLU B 259 -2.42 11.92 -32.65
C GLU B 259 -2.77 13.28 -32.01
N THR B 260 -3.76 13.33 -31.13
CA THR B 260 -4.16 14.57 -30.47
C THR B 260 -3.53 14.73 -29.09
N PHE B 261 -2.77 13.75 -28.62
CA PHE B 261 -2.31 13.77 -27.24
C PHE B 261 -1.22 12.76 -27.02
N GLY B 262 -0.13 13.16 -26.37
CA GLY B 262 1.00 12.28 -26.16
C GLY B 262 1.70 12.62 -24.86
N LEU B 263 2.73 11.82 -24.54
CA LEU B 263 3.46 12.03 -23.31
C LEU B 263 4.11 13.41 -23.28
N ASP B 264 4.46 13.97 -24.44
CA ASP B 264 5.01 15.32 -24.49
C ASP B 264 4.02 16.34 -23.96
N ASP B 265 2.73 16.16 -24.25
CA ASP B 265 1.71 17.05 -23.69
C ASP B 265 1.66 16.93 -22.17
N VAL B 266 1.86 15.72 -21.65
CA VAL B 266 1.92 15.56 -20.20
C VAL B 266 3.12 16.31 -19.63
N ARG B 267 4.26 16.24 -20.33
CA ARG B 267 5.50 16.84 -19.82
C ARG B 267 5.43 18.36 -19.74
N SER B 268 4.58 19.00 -20.54
CA SER B 268 4.51 20.46 -20.57
C SER B 268 3.20 21.01 -20.00
N ALA B 269 2.39 20.17 -19.35
CA ALA B 269 1.05 20.57 -18.94
C ALA B 269 1.09 21.61 -17.81
N GLU B 270 0.36 22.69 -18.01
CA GLU B 270 0.16 23.70 -16.98
C GLU B 270 -1.00 23.25 -16.10
N VAL B 271 -0.75 23.09 -14.81
CA VAL B 271 -1.75 22.54 -13.90
C VAL B 271 -2.22 23.66 -12.99
N GLU B 272 -3.52 23.78 -12.83
CA GLU B 272 -4.12 24.81 -11.97
C GLU B 272 -4.80 24.18 -10.76
N LEU B 273 -4.64 24.82 -9.60
CA LEU B 273 -5.28 24.41 -8.36
C LEU B 273 -6.18 25.53 -7.87
N LYS B 274 -7.40 25.19 -7.48
CA LYS B 274 -8.31 26.16 -6.90
C LYS B 274 -9.01 25.52 -5.71
N ILE B 275 -8.93 26.18 -4.55
CA ILE B 275 -9.61 25.74 -3.34
C ILE B 275 -10.57 26.84 -2.91
N THR B 276 -11.82 26.45 -2.65
CA THR B 276 -12.83 27.38 -2.16
C THR B 276 -13.53 26.75 -0.96
N GLY B 277 -13.83 27.57 0.05
CA GLY B 277 -14.40 27.07 1.28
C GLY B 277 -15.69 27.77 1.63
N ARG B 278 -16.46 27.11 2.50
CA ARG B 278 -17.64 27.75 3.07
C ARG B 278 -17.29 29.07 3.74
N ASP B 279 -16.07 29.20 4.28
CA ASP B 279 -15.64 30.45 4.90
C ASP B 279 -15.15 31.48 3.88
N ASN B 280 -15.39 31.25 2.59
CA ASN B 280 -15.00 32.14 1.50
C ASN B 280 -13.50 32.25 1.32
N PHE B 281 -12.73 31.34 1.90
CA PHE B 281 -11.30 31.26 1.57
C PHE B 281 -11.16 30.82 0.12
N VAL B 282 -10.26 31.49 -0.62
CA VAL B 282 -9.99 31.13 -2.01
C VAL B 282 -8.49 31.07 -2.21
N LEU B 283 -8.00 29.94 -2.73
CA LEU B 283 -6.64 29.82 -3.22
C LEU B 283 -6.70 29.46 -4.69
N ASP B 284 -5.86 30.08 -5.51
CA ASP B 284 -5.83 29.83 -6.95
C ASP B 284 -4.40 29.93 -7.41
N GLY B 285 -3.90 28.89 -8.06
CA GLY B 285 -2.48 28.87 -8.39
C GLY B 285 -2.22 27.94 -9.56
N LYS B 286 -1.08 28.17 -10.21
CA LYS B 286 -0.71 27.43 -11.41
C LYS B 286 0.75 27.01 -11.32
N SER B 287 1.06 25.85 -11.89
CA SER B 287 2.45 25.44 -12.04
C SER B 287 2.53 24.46 -13.20
N ASN B 288 3.74 24.22 -13.68
CA ASN B 288 3.92 23.46 -14.91
C ASN B 288 4.67 22.16 -14.66
N MET B 289 4.25 21.11 -15.38
CA MET B 289 4.89 19.80 -15.29
C MET B 289 6.36 19.81 -15.70
N SER B 290 6.80 20.81 -16.46
CA SER B 290 8.20 20.84 -16.87
C SER B 290 9.14 21.02 -15.68
N LEU B 291 8.64 21.40 -14.51
CA LEU B 291 9.48 21.55 -13.33
C LEU B 291 9.72 20.25 -12.59
N ILE B 292 9.18 19.13 -13.09
CA ILE B 292 9.37 17.85 -12.41
C ILE B 292 10.84 17.46 -12.49
N SER B 293 11.34 16.79 -11.45
CA SER B 293 12.77 16.55 -11.35
C SER B 293 13.22 15.29 -12.09
N ARG B 294 12.28 14.36 -12.34
CA ARG B 294 12.54 13.10 -13.03
C ARG B 294 11.46 12.94 -14.10
N ASP B 295 11.86 12.57 -15.30
CA ASP B 295 10.88 12.45 -16.37
C ASP B 295 9.82 11.42 -16.00
N PRO B 296 8.55 11.66 -16.36
CA PRO B 296 7.50 10.65 -16.08
C PRO B 296 7.86 9.24 -16.57
N ALA B 297 8.54 9.13 -17.70
CA ALA B 297 8.91 7.79 -18.18
C ALA B 297 9.96 7.16 -17.28
N VAL B 298 10.81 7.99 -16.65
CA VAL B 298 11.80 7.47 -15.71
C VAL B 298 11.12 6.98 -14.46
N LEU B 299 10.11 7.71 -13.99
CA LEU B 299 9.39 7.29 -12.79
C LEU B 299 8.63 5.98 -13.03
N ALA B 300 7.95 5.86 -14.16
CA ALA B 300 7.28 4.60 -14.47
C ALA B 300 8.28 3.46 -14.57
N GLY B 301 9.50 3.75 -15.05
CA GLY B 301 10.52 2.72 -15.17
C GLY B 301 11.12 2.30 -13.85
N GLN B 302 11.03 3.14 -12.82
CA GLN B 302 11.42 2.70 -11.49
C GLN B 302 10.31 1.92 -10.80
N ALA B 303 9.06 2.24 -11.11
CA ALA B 303 7.93 1.51 -10.52
C ALA B 303 7.83 0.08 -11.04
N TYR B 304 8.18 -0.14 -12.30
CA TYR B 304 7.91 -1.38 -13.00
C TYR B 304 9.20 -1.87 -13.62
N GLY B 305 9.54 -3.14 -13.40
CA GLY B 305 10.70 -3.71 -14.06
C GLY B 305 10.95 -5.15 -13.69
N LYS B 306 12.19 -5.55 -13.66
CA LYS B 306 12.50 -6.92 -13.34
C LYS B 306 12.25 -7.25 -11.88
N GLN B 307 12.12 -6.23 -11.05
CA GLN B 307 11.96 -6.49 -9.64
C GLN B 307 10.60 -6.10 -9.10
N HIS B 308 9.68 -5.63 -9.95
CA HIS B 308 8.28 -5.50 -9.55
C HIS B 308 7.43 -5.51 -10.80
N GLN B 309 6.48 -6.45 -10.87
CA GLN B 309 5.55 -6.52 -11.98
C GLN B 309 4.18 -6.04 -11.47
N TYR B 310 3.24 -5.92 -12.42
CA TYR B 310 1.89 -5.45 -12.11
C TYR B 310 0.94 -6.01 -13.16
N PRO B 311 0.51 -7.26 -13.00
CA PRO B 311 -0.16 -7.95 -14.12
C PRO B 311 -1.45 -7.28 -14.57
N ASP B 312 -2.15 -6.57 -13.68
CA ASP B 312 -3.34 -5.83 -14.07
C ASP B 312 -3.05 -4.37 -14.41
N GLY B 313 -1.78 -3.97 -14.46
CA GLY B 313 -1.41 -2.59 -14.71
C GLY B 313 -1.39 -1.79 -13.42
N PHE B 314 -1.04 -0.51 -13.54
CA PHE B 314 -0.99 0.34 -12.36
C PHE B 314 -1.22 1.79 -12.77
N ALA B 315 -1.72 2.57 -11.84
CA ALA B 315 -1.76 4.02 -12.00
C ALA B 315 -0.60 4.62 -11.20
N LEU B 316 -0.03 5.71 -11.72
CA LEU B 316 1.13 6.32 -11.07
C LEU B 316 0.92 7.82 -10.92
N PHE B 317 0.66 8.26 -9.68
CA PHE B 317 0.73 9.69 -9.37
C PHE B 317 2.16 10.17 -9.58
N LEU B 318 2.32 11.27 -10.31
CA LEU B 318 3.68 11.72 -10.63
C LEU B 318 4.27 12.68 -9.59
N GLY B 319 3.55 13.02 -8.55
CA GLY B 319 4.08 13.93 -7.54
C GLY B 319 3.42 15.30 -7.63
N THR B 320 3.16 15.91 -6.48
CA THR B 320 2.43 17.18 -6.52
C THR B 320 3.36 18.34 -6.85
N MET B 321 2.82 19.32 -7.58
CA MET B 321 3.58 20.52 -7.86
C MET B 321 3.06 21.71 -7.07
N PHE B 322 2.25 21.45 -6.04
CA PHE B 322 1.76 22.49 -5.14
C PHE B 322 2.01 22.09 -3.69
N ALA B 323 2.23 23.09 -2.83
CA ALA B 323 2.33 22.89 -1.39
C ALA B 323 1.68 24.11 -0.74
N PRO B 324 0.35 24.09 -0.54
CA PRO B 324 -0.36 25.30 -0.13
C PRO B 324 0.11 25.81 1.23
N ILE B 325 0.49 27.09 1.28
CA ILE B 325 0.93 27.73 2.52
C ILE B 325 0.23 29.06 2.70
N GLN B 326 -0.76 29.36 1.87
CA GLN B 326 -1.54 30.57 2.04
C GLN B 326 -2.29 30.54 3.38
N ASP B 327 -2.21 31.62 4.14
CA ASP B 327 -2.79 31.66 5.47
C ASP B 327 -4.31 31.64 5.37
N ARG B 328 -4.93 30.75 6.12
CA ARG B 328 -6.38 30.68 6.07
C ARG B 328 -7.05 31.41 7.23
N ASP B 329 -6.65 31.13 8.46
CA ASP B 329 -7.28 31.76 9.62
C ASP B 329 -6.32 32.59 10.45
N THR B 330 -5.07 32.18 10.59
CA THR B 330 -4.12 32.86 11.45
C THR B 330 -2.88 33.24 10.65
N PRO B 331 -2.45 34.49 10.68
CA PRO B 331 -1.22 34.87 9.96
C PRO B 331 -0.07 33.97 10.36
N GLY B 332 0.68 33.49 9.37
CA GLY B 332 1.81 32.63 9.60
C GLY B 332 1.47 31.18 9.85
N GLN B 333 0.20 30.83 9.99
CA GLN B 333 -0.21 29.47 10.30
C GLN B 333 -0.49 28.64 9.05
N GLY B 334 -0.61 29.25 7.87
CA GLY B 334 -0.75 28.49 6.64
C GLY B 334 -2.15 27.92 6.44
N PHE B 335 -2.21 26.80 5.73
CA PHE B 335 -3.47 26.25 5.24
C PHE B 335 -3.81 24.94 5.94
N THR B 336 -5.11 24.70 6.12
CA THR B 336 -5.63 23.36 6.36
C THR B 336 -7.07 23.29 5.86
N HIS B 337 -7.54 22.08 5.60
CA HIS B 337 -8.87 21.90 5.05
C HIS B 337 -9.96 22.13 6.09
N LYS B 338 -11.13 22.53 5.61
CA LYS B 338 -12.35 22.50 6.40
C LYS B 338 -13.40 21.70 5.62
N VAL B 339 -14.35 21.14 6.37
CA VAL B 339 -15.43 20.38 5.74
C VAL B 339 -16.19 21.30 4.80
N GLY B 340 -16.48 20.81 3.60
CA GLY B 340 -17.17 21.59 2.60
C GLY B 340 -16.26 22.22 1.57
N ASP B 341 -14.94 22.19 1.77
CA ASP B 341 -14.02 22.73 0.78
C ASP B 341 -14.25 22.06 -0.56
N ARG B 342 -14.11 22.85 -1.63
CA ARG B 342 -14.16 22.34 -3.00
C ARG B 342 -12.80 22.53 -3.65
N VAL B 343 -12.24 21.46 -4.19
CA VAL B 343 -10.89 21.45 -4.72
C VAL B 343 -10.96 21.12 -6.21
N ARG B 344 -10.44 22.03 -7.04
CA ARG B 344 -10.45 21.85 -8.49
C ARG B 344 -9.02 21.74 -9.00
N VAL B 345 -8.72 20.63 -9.67
CA VAL B 345 -7.46 20.40 -10.35
C VAL B 345 -7.75 20.39 -11.84
N SER B 346 -7.00 21.19 -12.61
CA SER B 346 -7.35 21.28 -14.02
C SER B 346 -6.11 21.55 -14.89
N THR B 347 -6.20 21.05 -16.13
CA THR B 347 -5.25 21.36 -17.18
C THR B 347 -5.97 21.18 -18.53
N PRO B 348 -5.67 21.99 -19.54
CA PRO B 348 -6.55 22.04 -20.73
C PRO B 348 -6.71 20.71 -21.44
N LYS B 349 -5.68 19.86 -21.50
CA LYS B 349 -5.81 18.62 -22.27
C LYS B 349 -6.55 17.52 -21.51
N LEU B 350 -6.78 17.68 -20.20
CA LEU B 350 -7.38 16.61 -19.41
C LEU B 350 -8.72 16.96 -18.78
N GLY B 351 -9.05 18.25 -18.63
CA GLY B 351 -10.29 18.64 -18.01
C GLY B 351 -10.14 19.11 -16.58
N VAL B 352 -11.13 18.79 -15.74
CA VAL B 352 -11.19 19.25 -14.36
C VAL B 352 -11.53 18.05 -13.48
N LEU B 353 -10.69 17.78 -12.49
CA LEU B 353 -11.06 16.89 -11.39
C LEU B 353 -11.49 17.78 -10.24
N GLU B 354 -12.75 17.64 -9.81
CA GLU B 354 -13.27 18.46 -8.74
C GLU B 354 -13.91 17.57 -7.69
N ASN B 355 -13.60 17.84 -6.42
CA ASN B 355 -14.08 17.05 -5.29
C ASN B 355 -14.48 17.98 -4.17
N GLU B 356 -15.37 17.48 -3.30
CA GLU B 356 -15.73 18.16 -2.07
C GLU B 356 -15.09 17.44 -0.89
N VAL B 357 -14.54 18.21 0.05
CA VAL B 357 -13.78 17.63 1.16
C VAL B 357 -14.70 17.41 2.35
N THR B 358 -14.59 16.23 2.97
CA THR B 358 -15.19 16.01 4.28
C THR B 358 -14.21 15.19 5.11
N THR B 359 -14.62 14.73 6.28
CA THR B 359 -13.71 13.90 7.04
C THR B 359 -13.96 12.43 6.69
N CYS B 360 -12.90 11.62 6.83
CA CYS B 360 -12.94 10.21 6.42
C CYS B 360 -14.12 9.45 7.03
N ASP B 361 -14.47 9.78 8.27
CA ASP B 361 -15.56 9.10 8.96
C ASP B 361 -16.94 9.54 8.46
N LYS B 362 -17.04 10.71 7.83
CA LYS B 362 -18.32 11.18 7.30
C LYS B 362 -18.52 10.78 5.84
N ALA B 363 -17.42 10.61 5.09
CA ALA B 363 -17.52 10.05 3.76
C ALA B 363 -18.11 8.64 3.82
N LYS B 364 -18.84 8.27 2.77
CA LYS B 364 -19.36 6.91 2.69
C LYS B 364 -18.20 5.91 2.78
N PRO B 365 -18.39 4.80 3.49
CA PRO B 365 -17.31 3.82 3.61
C PRO B 365 -17.06 3.10 2.29
N TRP B 366 -15.86 2.55 2.17
CA TRP B 366 -15.51 1.75 1.01
C TRP B 366 -16.14 0.38 1.15
N THR B 367 -17.18 0.10 0.37
CA THR B 367 -17.86 -1.17 0.43
C THR B 367 -17.72 -2.00 -0.84
N PHE B 368 -17.39 -1.38 -1.97
CA PHE B 368 -17.39 -2.07 -3.27
C PHE B 368 -15.94 -2.44 -3.59
N GLY B 369 -15.54 -3.63 -3.17
CA GLY B 369 -14.19 -4.13 -3.39
C GLY B 369 -14.15 -5.14 -4.52
N ILE B 370 -13.10 -5.98 -4.51
CA ILE B 370 -12.87 -6.88 -5.63
C ILE B 370 -13.99 -7.90 -5.73
N SER B 371 -14.43 -8.45 -4.61
CA SER B 371 -15.48 -9.45 -4.66
C SER B 371 -16.78 -8.86 -5.21
N ALA B 372 -17.11 -7.65 -4.79
CA ALA B 372 -18.31 -6.98 -5.30
C ALA B 372 -18.24 -6.80 -6.82
N LEU B 373 -17.08 -6.38 -7.33
CA LEU B 373 -16.94 -6.24 -8.78
C LEU B 373 -17.11 -7.58 -9.46
N ILE B 374 -16.41 -8.61 -8.96
CA ILE B 374 -16.48 -9.94 -9.58
C ILE B 374 -17.93 -10.40 -9.63
N ARG B 375 -18.65 -10.30 -8.50
CA ARG B 375 -20.03 -10.74 -8.47
C ARG B 375 -20.90 -9.93 -9.42
N ASN B 376 -20.64 -8.62 -9.51
CA ASN B 376 -21.42 -7.76 -10.40
C ASN B 376 -21.20 -8.14 -11.86
N LEU B 377 -19.93 -8.25 -12.27
CA LEU B 377 -19.62 -8.63 -13.65
C LEU B 377 -20.20 -9.99 -14.00
N ALA B 378 -20.03 -10.98 -13.09
CA ALA B 378 -20.58 -12.31 -13.36
C ALA B 378 -22.08 -12.27 -13.54
N GLY B 379 -22.78 -11.53 -12.69
CA GLY B 379 -24.22 -11.43 -12.82
C GLY B 379 -24.69 -10.79 -14.11
N ARG B 380 -23.84 -10.03 -14.77
CA ARG B 380 -24.18 -9.36 -16.01
C ARG B 380 -23.76 -10.14 -17.25
N GLY B 381 -23.21 -11.34 -17.06
CA GLY B 381 -22.76 -12.14 -18.19
C GLY B 381 -21.52 -11.64 -18.88
N LEU B 382 -20.76 -10.76 -18.23
CA LEU B 382 -19.62 -10.12 -18.86
C LEU B 382 -18.33 -10.92 -18.72
N LEU B 383 -18.37 -12.06 -18.02
CA LEU B 383 -17.19 -12.88 -17.85
C LEU B 383 -17.26 -14.11 -18.75
MG MG C . 7.42 -5.85 10.15
C TRS D . -7.06 5.13 15.46
C1 TRS D . -8.00 4.53 16.49
C2 TRS D . -7.18 4.39 14.14
C3 TRS D . -5.62 5.13 15.96
N TRS D . -7.48 6.56 15.24
O1 TRS D . -7.80 3.13 16.66
O2 TRS D . -6.26 4.88 13.16
O3 TRS D . -5.44 5.97 17.09
MG MG E . 2.30 13.39 -3.39
C1 COI F . 5.17 14.65 -3.05
O1 COI F . 4.36 14.68 -4.04
O2 COI F . 6.19 15.38 -2.98
C2 COI F . 4.94 13.72 -1.87
O3 COI F . 3.94 13.07 -1.79
C3 COI F . 6.08 13.65 -0.86
C4 COI F . 5.77 12.62 0.21
C5 COI F . 7.04 12.38 0.99
C6 COI F . 4.87 13.40 1.14
#